data_9JZP
#
_entry.id   9JZP
#
_cell.length_a   61.999
_cell.length_b   109.024
_cell.length_c   116.930
_cell.angle_alpha   90.00
_cell.angle_beta   90.00
_cell.angle_gamma   90.00
#
_symmetry.space_group_name_H-M   'P 21 21 21'
#
loop_
_entity.id
_entity.type
_entity.pdbx_description
1 polymer 'Membrane-associated phosphatidylinositol transfer protein 1'
2 non-polymer DI(HYDROXYETHYL)ETHER
3 water water
#
_entity_poly.entity_id   1
_entity_poly.type   'polypeptide(L)'
_entity_poly.pdbx_seq_one_letter_code
;SGSVKIRNVTSNHRASDTVVCEGRPQVLNGRFMYGPLDVVTLTGEKVDVYVMTQPLSGKWIHFGTEVTNSSGRLTFPVPS
ERALGIGVYPVRMVVRGDHTYAECCLTVVSRGTEAVVFSIDGSFTASVSIMGSDPKVRAGAVDVVRHWQDSGYLIVYVTG
RPDMQKHRVVAWLSQHNFPHGVVSFCDGLTHDPLRQKAMFLQSLVQEVELNIVAGYGSPKDVAVYAALGLSPSQTYIVGR
AVRKLQAQCQFLSDGYVAHLGQLEAGSHSHAPSGPPRAALAKSS
;
_entity_poly.pdbx_strand_id   A,B,C
#
loop_
_chem_comp.id
_chem_comp.type
_chem_comp.name
_chem_comp.formula
PEG non-polymer DI(HYDROXYETHYL)ETHER 'C4 H10 O3'
#
# COMPACT_ATOMS: atom_id res chain seq x y z
N VAL A 9 -16.98 24.56 8.77
CA VAL A 9 -15.96 23.57 9.04
C VAL A 9 -14.60 24.29 9.25
N THR A 10 -13.83 23.83 10.23
CA THR A 10 -12.57 24.48 10.62
C THR A 10 -11.45 24.45 9.58
N SER A 11 -10.72 25.57 9.41
CA SER A 11 -9.58 25.63 8.50
C SER A 11 -8.49 24.65 8.93
N ASN A 12 -7.80 24.10 7.94
CA ASN A 12 -6.63 23.29 8.21
C ASN A 12 -5.55 23.65 7.19
N HIS A 13 -5.12 24.91 7.21
CA HIS A 13 -4.16 25.37 6.24
C HIS A 13 -2.75 25.00 6.66
N ARG A 14 -1.86 24.83 5.69
CA ARG A 14 -0.46 24.62 6.02
C ARG A 14 0.44 25.33 5.00
N ALA A 15 1.52 25.92 5.51
CA ALA A 15 2.55 26.50 4.67
C ALA A 15 3.85 25.77 4.92
N SER A 16 4.59 25.51 3.84
CA SER A 16 5.86 24.80 3.93
C SER A 16 6.98 25.71 4.39
N ASP A 17 7.78 25.21 5.33
CA ASP A 17 9.04 25.84 5.64
C ASP A 17 9.87 25.88 4.37
N THR A 18 10.35 27.07 4.03
CA THR A 18 11.21 27.25 2.88
C THR A 18 12.64 27.45 3.34
N VAL A 19 13.55 26.70 2.75
CA VAL A 19 14.95 26.95 3.00
C VAL A 19 15.55 27.26 1.64
N VAL A 20 16.29 28.36 1.57
CA VAL A 20 16.87 28.76 0.30
C VAL A 20 18.22 29.45 0.52
N CYS A 21 19.14 29.18 -0.39
CA CYS A 21 20.45 29.78 -0.34
C CYS A 21 20.31 31.24 -0.80
N GLU A 22 21.00 32.15 -0.14
CA GLU A 22 20.90 33.57 -0.50
C GLU A 22 21.31 33.85 -1.92
N GLY A 23 20.61 34.79 -2.56
CA GLY A 23 20.88 35.14 -3.94
C GLY A 23 19.95 34.39 -4.86
N ARG A 24 19.39 33.29 -4.38
CA ARG A 24 18.48 32.52 -5.20
C ARG A 24 17.04 33.01 -5.07
N PRO A 25 16.21 32.77 -6.10
CA PRO A 25 14.80 33.12 -6.03
C PRO A 25 14.16 32.53 -4.78
N GLN A 26 13.39 33.31 -4.04
CA GLN A 26 12.74 32.84 -2.82
C GLN A 26 11.25 32.64 -3.08
N VAL A 27 10.79 31.42 -2.82
CA VAL A 27 9.43 30.99 -3.13
C VAL A 27 8.72 30.34 -1.94
N LEU A 28 7.54 30.86 -1.59
CA LEU A 28 6.76 30.29 -0.48
C LEU A 28 5.56 29.47 -1.00
N ASN A 29 5.32 28.31 -0.41
CA ASN A 29 4.23 27.44 -0.83
C ASN A 29 3.30 27.21 0.32
N GLY A 30 2.02 26.99 0.02
CA GLY A 30 1.06 26.72 1.08
C GLY A 30 -0.08 25.88 0.53
N ARG A 31 -0.91 25.34 1.41
CA ARG A 31 -2.10 24.65 0.95
C ARG A 31 -3.27 24.99 1.84
N PHE A 32 -4.42 25.26 1.21
CA PHE A 32 -5.55 25.76 1.97
C PHE A 32 -6.76 24.84 1.84
N MET A 33 -7.08 24.27 2.99
CA MET A 33 -8.03 23.17 3.12
C MET A 33 -8.91 23.40 4.33
N TYR A 34 -10.10 22.79 4.27
CA TYR A 34 -11.11 22.81 5.31
C TYR A 34 -11.49 21.38 5.74
N GLY A 35 -11.57 21.18 7.04
CA GLY A 35 -11.88 19.96 7.66
C GLY A 35 -10.70 19.10 8.07
N PRO A 36 -10.93 18.23 9.04
CA PRO A 36 -9.83 17.40 9.55
C PRO A 36 -9.14 16.51 8.50
N LEU A 37 -9.88 15.89 7.59
CA LEU A 37 -9.28 15.01 6.58
C LEU A 37 -9.06 15.60 5.17
N ASP A 38 -9.17 16.93 5.10
CA ASP A 38 -9.11 17.69 3.85
C ASP A 38 -10.38 17.54 2.99
N VAL A 39 -11.54 17.46 3.64
CA VAL A 39 -12.79 17.23 2.95
C VAL A 39 -13.13 18.36 1.98
N VAL A 40 -12.83 19.60 2.38
CA VAL A 40 -13.08 20.79 1.57
C VAL A 40 -11.78 21.46 1.14
N THR A 41 -11.74 21.83 -0.13
CA THR A 41 -10.59 22.48 -0.74
C THR A 41 -10.85 23.94 -1.03
N LEU A 42 -9.88 24.81 -0.74
CA LEU A 42 -10.02 26.24 -1.06
C LEU A 42 -9.48 26.53 -2.47
N THR A 43 -10.38 26.77 -3.42
CA THR A 43 -9.99 26.93 -4.82
C THR A 43 -10.25 28.31 -5.40
N GLY A 44 -9.26 28.84 -6.11
CA GLY A 44 -9.43 30.12 -6.80
C GLY A 44 -9.73 31.26 -5.85
N GLU A 45 -9.12 31.24 -4.67
CA GLU A 45 -9.34 32.32 -3.71
C GLU A 45 -8.04 33.00 -3.37
N LYS A 46 -8.14 34.29 -3.07
CA LYS A 46 -6.99 35.12 -2.74
C LYS A 46 -6.41 34.86 -1.34
N VAL A 47 -5.08 34.81 -1.27
CA VAL A 47 -4.36 34.66 -0.03
C VAL A 47 -3.28 35.73 0.04
N ASP A 48 -3.30 36.53 1.11
CA ASP A 48 -2.29 37.56 1.32
C ASP A 48 -1.10 37.01 2.09
N VAL A 49 0.09 37.38 1.64
CA VAL A 49 1.32 36.85 2.21
C VAL A 49 2.11 37.89 3.02
N TYR A 50 2.32 37.60 4.30
CA TYR A 50 3.08 38.50 5.18
C TYR A 50 4.37 37.86 5.63
N VAL A 51 5.41 38.69 5.71
CA VAL A 51 6.68 38.27 6.29
C VAL A 51 7.04 39.17 7.44
N MET A 52 7.58 38.61 8.52
CA MET A 52 8.05 39.43 9.64
C MET A 52 9.52 39.73 9.37
N THR A 53 9.80 40.80 8.62
CA THR A 53 11.16 41.04 8.10
C THR A 53 12.20 41.30 9.21
N GLN A 54 11.76 41.90 10.31
CA GLN A 54 12.55 41.95 11.55
C GLN A 54 11.94 40.96 12.54
N PRO A 55 12.50 39.75 12.60
CA PRO A 55 11.97 38.55 13.26
C PRO A 55 11.61 38.75 14.73
N LEU A 56 12.19 39.76 15.38
CA LEU A 56 11.95 39.98 16.80
C LEU A 56 10.92 41.09 17.04
N SER A 57 10.57 41.81 15.97
CA SER A 57 9.71 42.99 16.11
C SER A 57 8.23 42.67 16.34
N GLY A 58 7.76 41.53 15.85
CA GLY A 58 6.33 41.23 15.88
C GLY A 58 5.54 41.99 14.80
N LYS A 59 6.25 42.66 13.89
CA LYS A 59 5.60 43.50 12.89
C LYS A 59 5.53 42.79 11.54
N TRP A 60 4.32 42.72 10.98
CA TRP A 60 4.11 42.06 9.70
C TRP A 60 4.21 43.01 8.51
N ILE A 61 4.88 42.55 7.47
CA ILE A 61 4.99 43.27 6.20
C ILE A 61 4.26 42.52 5.10
N HIS A 62 3.31 43.18 4.44
CA HIS A 62 2.56 42.62 3.31
C HIS A 62 3.45 42.49 2.07
N PHE A 63 3.64 41.27 1.57
CA PHE A 63 4.56 41.07 0.44
C PHE A 63 3.84 40.94 -0.88
N GLY A 64 2.59 40.50 -0.84
CA GLY A 64 1.83 40.26 -2.05
C GLY A 64 0.62 39.35 -1.87
N THR A 65 0.02 38.98 -2.99
CA THR A 65 -1.22 38.21 -3.03
C THR A 65 -1.14 37.12 -4.09
N GLU A 66 -1.70 35.95 -3.79
CA GLU A 66 -1.78 34.87 -4.77
C GLU A 66 -3.16 34.21 -4.71
N VAL A 67 -3.45 33.40 -5.73
CA VAL A 67 -4.70 32.65 -5.81
C VAL A 67 -4.46 31.15 -5.72
N THR A 68 -5.33 30.46 -4.99
CA THR A 68 -5.20 29.02 -4.90
C THR A 68 -5.68 28.39 -6.21
N ASN A 69 -5.14 27.21 -6.52
CA ASN A 69 -5.59 26.48 -7.69
C ASN A 69 -6.62 25.42 -7.28
N SER A 70 -7.00 24.54 -8.20
CA SER A 70 -8.08 23.58 -7.99
C SER A 70 -7.82 22.62 -6.84
N SER A 71 -6.55 22.37 -6.54
CA SER A 71 -6.26 21.45 -5.44
C SER A 71 -5.87 22.20 -4.16
N GLY A 72 -6.11 23.51 -4.15
CA GLY A 72 -5.91 24.32 -2.95
C GLY A 72 -4.49 24.82 -2.74
N ARG A 73 -3.66 24.73 -3.77
CA ARG A 73 -2.25 25.03 -3.59
C ARG A 73 -1.89 26.43 -4.06
N LEU A 74 -0.87 26.98 -3.43
CA LEU A 74 -0.44 28.34 -3.67
C LEU A 74 1.06 28.37 -3.74
N THR A 75 1.59 29.12 -4.69
CA THR A 75 3.03 29.31 -4.79
C THR A 75 3.29 30.81 -4.94
N PHE A 76 4.10 31.36 -4.04
CA PHE A 76 4.32 32.80 -4.05
C PHE A 76 5.80 33.13 -4.20
N PRO A 77 6.17 33.74 -5.34
CA PRO A 77 7.56 34.19 -5.51
C PRO A 77 7.78 35.52 -4.81
N VAL A 78 8.79 35.60 -3.95
CA VAL A 78 9.13 36.87 -3.33
C VAL A 78 9.76 37.76 -4.37
N PRO A 79 9.22 38.97 -4.55
CA PRO A 79 9.82 39.91 -5.50
C PRO A 79 11.29 40.15 -5.14
N SER A 80 12.17 40.11 -6.14
CA SER A 80 13.62 40.21 -5.91
C SER A 80 14.00 41.50 -5.21
N GLU A 81 13.17 42.52 -5.37
CA GLU A 81 13.39 43.80 -4.71
C GLU A 81 13.22 43.66 -3.19
N ARG A 82 12.52 42.62 -2.76
CA ARG A 82 12.25 42.41 -1.34
C ARG A 82 12.89 41.14 -0.77
N ALA A 83 13.84 40.57 -1.50
CA ALA A 83 14.47 39.33 -1.07
C ALA A 83 15.11 39.51 0.31
N LEU A 84 14.99 38.48 1.14
CA LEU A 84 15.54 38.58 2.48
C LEU A 84 16.99 38.10 2.51
N GLY A 85 17.79 38.73 3.38
CA GLY A 85 19.15 38.30 3.58
C GLY A 85 19.18 37.12 4.51
N ILE A 86 20.38 36.65 4.84
CA ILE A 86 20.55 35.49 5.71
C ILE A 86 19.74 35.67 6.99
N GLY A 87 19.02 34.63 7.40
CA GLY A 87 18.21 34.70 8.61
C GLY A 87 17.03 33.74 8.60
N VAL A 88 16.27 33.77 9.69
CA VAL A 88 15.05 32.99 9.78
C VAL A 88 13.87 33.94 9.96
N TYR A 89 12.89 33.90 9.05
CA TYR A 89 11.77 34.84 9.11
C TYR A 89 10.38 34.22 9.26
N PRO A 90 9.65 34.60 10.31
CA PRO A 90 8.26 34.14 10.39
C PRO A 90 7.46 34.60 9.15
N VAL A 91 6.61 33.71 8.67
CA VAL A 91 5.75 33.95 7.53
C VAL A 91 4.31 33.61 7.89
N ARG A 92 3.38 34.46 7.50
CA ARG A 92 1.97 34.18 7.69
C ARG A 92 1.19 34.39 6.38
N MET A 93 0.43 33.37 5.99
CA MET A 93 -0.40 33.44 4.80
C MET A 93 -1.86 33.53 5.22
N VAL A 94 -2.54 34.62 4.82
CA VAL A 94 -3.88 34.89 5.32
C VAL A 94 -4.92 34.83 4.19
N VAL A 95 -5.90 33.96 4.33
CA VAL A 95 -7.00 33.85 3.36
C VAL A 95 -7.89 35.07 3.48
N ARG A 96 -7.99 35.85 2.40
CA ARG A 96 -8.66 37.13 2.52
C ARG A 96 -10.15 36.99 2.76
N GLY A 97 -10.74 35.92 2.24
CA GLY A 97 -12.17 35.68 2.35
C GLY A 97 -12.73 35.44 3.76
N ASP A 98 -11.97 34.77 4.62
CA ASP A 98 -12.45 34.50 5.97
C ASP A 98 -11.40 34.77 7.05
N HIS A 99 -10.25 35.31 6.66
CA HIS A 99 -9.21 35.75 7.61
C HIS A 99 -8.58 34.55 8.35
N THR A 100 -8.67 33.35 7.78
CA THR A 100 -7.96 32.21 8.34
C THR A 100 -6.52 32.19 7.82
N TYR A 101 -5.62 31.49 8.49
CA TYR A 101 -4.25 31.58 8.06
C TYR A 101 -3.40 30.36 8.34
N ALA A 102 -2.24 30.36 7.71
CA ALA A 102 -1.21 29.37 7.92
C ALA A 102 0.10 30.08 8.19
N GLU A 103 0.97 29.43 8.94
CA GLU A 103 2.23 30.00 9.36
C GLU A 103 3.38 29.04 9.09
N CYS A 104 4.54 29.60 8.82
CA CYS A 104 5.75 28.83 8.54
C CYS A 104 6.94 29.77 8.67
N CYS A 105 8.14 29.27 8.39
CA CYS A 105 9.31 30.14 8.42
C CYS A 105 10.07 30.06 7.10
N LEU A 106 10.62 31.19 6.68
CA LEU A 106 11.54 31.23 5.57
C LEU A 106 12.97 31.28 6.10
N THR A 107 13.75 30.27 5.75
CA THR A 107 15.12 30.19 6.21
C THR A 107 16.09 30.48 5.06
N VAL A 108 16.83 31.57 5.21
CA VAL A 108 17.83 31.95 4.21
C VAL A 108 19.20 31.64 4.76
N VAL A 109 19.94 30.83 4.02
CA VAL A 109 21.23 30.35 4.49
C VAL A 109 22.34 30.70 3.50
N SER A 110 23.57 30.77 3.99
CA SER A 110 24.69 30.90 3.07
C SER A 110 25.01 29.53 2.52
N ARG A 111 25.58 29.53 1.33
CA ARG A 111 25.95 28.33 0.60
C ARG A 111 26.84 27.45 1.44
N GLY A 112 26.55 26.15 1.46
CA GLY A 112 27.37 25.21 2.20
C GLY A 112 27.07 25.17 3.71
N THR A 113 25.99 25.82 4.14
CA THR A 113 25.60 25.78 5.55
C THR A 113 25.42 24.33 6.01
N GLU A 114 25.96 24.04 7.19
CA GLU A 114 25.96 22.68 7.72
C GLU A 114 24.67 22.36 8.50
N ALA A 115 24.19 21.13 8.37
CA ALA A 115 22.90 20.73 8.93
C ALA A 115 22.87 19.29 9.41
N VAL A 116 21.97 19.03 10.38
CA VAL A 116 21.69 17.69 10.89
C VAL A 116 20.19 17.42 10.69
N VAL A 117 19.88 16.26 10.15
CA VAL A 117 18.50 15.88 9.87
C VAL A 117 17.99 14.89 10.90
N PHE A 118 16.80 15.12 11.43
CA PHE A 118 16.16 14.14 12.31
C PHE A 118 14.89 13.63 11.66
N SER A 119 14.90 12.34 11.34
CA SER A 119 13.71 11.69 10.83
C SER A 119 12.89 11.28 12.06
N ILE A 120 11.87 12.08 12.36
CA ILE A 120 11.07 12.03 13.58
C ILE A 120 10.35 10.74 13.95
N ASP A 121 9.77 10.09 12.93
CA ASP A 121 8.87 8.99 13.17
C ASP A 121 9.61 7.83 13.83
N GLY A 122 9.08 7.35 14.95
CA GLY A 122 9.70 6.29 15.73
C GLY A 122 11.07 6.58 16.34
N SER A 123 11.65 7.71 15.97
CA SER A 123 12.94 8.13 16.49
C SER A 123 12.77 9.05 17.71
N PHE A 124 11.80 9.98 17.65
CA PHE A 124 11.56 10.91 18.74
C PHE A 124 10.51 10.29 19.65
N THR A 125 9.89 9.21 19.19
CA THR A 125 8.79 8.60 19.92
C THR A 125 9.39 7.40 20.65
N ALA A 126 8.78 7.05 21.78
CA ALA A 126 9.24 5.92 22.60
C ALA A 126 9.21 4.60 21.84
N SER A 127 8.20 4.43 21.00
CA SER A 127 8.09 3.23 20.21
C SER A 127 8.73 3.45 18.84
N VAL A 128 9.41 2.44 18.33
CA VAL A 128 10.01 2.48 17.01
C VAL A 128 8.95 2.33 15.94
N SER A 129 7.78 1.85 16.35
CA SER A 129 6.81 1.33 15.40
C SER A 129 5.44 1.99 15.49
N ILE A 130 4.95 2.15 16.71
CA ILE A 130 3.57 2.59 16.91
C ILE A 130 3.49 4.02 17.43
N MET A 131 2.90 4.90 16.63
CA MET A 131 2.70 6.28 17.01
C MET A 131 1.29 6.72 16.66
N GLY A 132 0.49 6.98 17.68
CA GLY A 132 -0.84 7.51 17.47
C GLY A 132 -0.76 9.01 17.68
N SER A 133 -1.89 9.68 17.96
CA SER A 133 -1.89 11.16 17.95
C SER A 133 -0.93 11.93 18.91
N ASP A 134 -0.84 11.54 20.18
CA ASP A 134 0.30 11.90 21.00
C ASP A 134 0.93 10.63 21.55
N PRO A 135 2.13 10.34 21.06
CA PRO A 135 3.01 9.32 21.65
C PRO A 135 3.94 9.91 22.72
N LYS A 136 4.44 9.05 23.60
CA LYS A 136 5.46 9.46 24.57
C LYS A 136 6.72 9.83 23.80
N VAL A 137 7.39 10.88 24.22
CA VAL A 137 8.67 11.24 23.64
C VAL A 137 9.77 10.32 24.16
N ARG A 138 10.66 9.88 23.28
CA ARG A 138 11.77 9.03 23.70
C ARG A 138 12.69 9.82 24.65
N ALA A 139 13.26 9.14 25.64
CA ALA A 139 14.12 9.82 26.60
C ALA A 139 15.43 10.30 25.97
N GLY A 140 15.78 11.55 26.24
CA GLY A 140 17.02 12.14 25.78
C GLY A 140 16.99 12.70 24.36
N ALA A 141 15.88 12.56 23.66
CA ALA A 141 15.82 13.02 22.28
C ALA A 141 15.92 14.55 22.18
N VAL A 142 15.19 15.26 23.02
CA VAL A 142 15.28 16.73 23.00
C VAL A 142 16.71 17.24 23.29
N ASP A 143 17.40 16.59 24.21
CA ASP A 143 18.77 16.98 24.55
C ASP A 143 19.74 16.74 23.39
N VAL A 144 19.55 15.65 22.66
CA VAL A 144 20.42 15.37 21.52
C VAL A 144 20.25 16.42 20.42
N VAL A 145 19.01 16.77 20.14
CA VAL A 145 18.75 17.79 19.14
C VAL A 145 19.29 19.12 19.59
N ARG A 146 19.11 19.44 20.86
CA ARG A 146 19.56 20.72 21.36
C ARG A 146 21.09 20.77 21.34
N HIS A 147 21.73 19.62 21.51
CA HIS A 147 23.19 19.55 21.41
C HIS A 147 23.69 20.02 20.05
N TRP A 148 23.04 19.52 19.00
CA TRP A 148 23.44 19.82 17.63
C TRP A 148 23.19 21.28 17.29
N GLN A 149 22.05 21.79 17.72
CA GLN A 149 21.77 23.19 17.46
C GLN A 149 22.80 24.10 18.19
N ASP A 150 23.07 23.82 19.46
CA ASP A 150 24.10 24.56 20.23
C ASP A 150 25.50 24.46 19.61
N SER A 151 25.74 23.39 18.87
CA SER A 151 27.05 23.22 18.23
C SER A 151 27.11 23.96 16.89
N GLY A 152 26.02 24.62 16.51
CA GLY A 152 26.04 25.47 15.33
C GLY A 152 25.43 24.86 14.08
N TYR A 153 24.78 23.72 14.21
CA TYR A 153 24.18 23.08 13.04
C TYR A 153 22.73 23.48 12.81
N LEU A 154 22.37 23.64 11.55
CA LEU A 154 20.98 23.88 11.17
C LEU A 154 20.17 22.62 11.43
N ILE A 155 19.07 22.75 12.16
CA ILE A 155 18.25 21.57 12.47
C ILE A 155 17.15 21.36 11.45
N VAL A 156 17.10 20.18 10.85
CA VAL A 156 16.06 19.84 9.86
C VAL A 156 15.27 18.61 10.33
N TYR A 157 13.95 18.76 10.50
CA TYR A 157 13.09 17.63 10.85
C TYR A 157 12.32 17.08 9.64
N VAL A 158 12.38 15.76 9.39
CA VAL A 158 11.56 15.16 8.33
C VAL A 158 10.62 14.12 8.94
N THR A 159 9.44 13.99 8.34
CA THR A 159 8.46 13.00 8.79
C THR A 159 7.76 12.36 7.60
N GLY A 160 7.28 11.12 7.81
CA GLY A 160 6.52 10.41 6.81
C GLY A 160 5.03 10.77 6.77
N ARG A 161 4.55 11.44 7.81
CA ARG A 161 3.16 11.88 7.87
C ARG A 161 2.81 12.87 6.76
N PRO A 162 1.52 12.91 6.38
CA PRO A 162 0.99 13.87 5.43
C PRO A 162 0.90 15.25 6.07
N ASP A 163 1.06 16.33 5.29
CA ASP A 163 1.08 17.68 5.86
C ASP A 163 -0.28 18.05 6.44
N MET A 164 -1.28 17.22 6.15
CA MET A 164 -2.59 17.37 6.73
C MET A 164 -2.52 17.30 8.26
N GLN A 165 -1.50 16.62 8.76
CA GLN A 165 -1.34 16.42 10.19
C GLN A 165 -0.33 17.40 10.81
N LYS A 166 0.09 18.37 10.02
CA LYS A 166 1.15 19.28 10.44
C LYS A 166 0.88 19.99 11.74
N HIS A 167 -0.29 20.62 11.84
CA HIS A 167 -0.62 21.40 12.99
C HIS A 167 -0.43 20.58 14.28
N ARG A 168 -0.87 19.32 14.27
CA ARG A 168 -0.77 18.49 15.47
C ARG A 168 0.67 18.05 15.74
N VAL A 169 1.41 17.69 14.68
CA VAL A 169 2.81 17.31 14.82
C VAL A 169 3.62 18.47 15.42
N VAL A 170 3.43 19.68 14.90
CA VAL A 170 4.16 20.84 15.41
C VAL A 170 3.79 21.17 16.86
N ALA A 171 2.51 21.04 17.20
CA ALA A 171 2.10 21.19 18.58
C ALA A 171 2.78 20.13 19.46
N TRP A 172 2.96 18.93 18.93
CA TRP A 172 3.64 17.90 19.69
C TRP A 172 5.12 18.27 19.89
N LEU A 173 5.78 18.74 18.84
CA LEU A 173 7.18 19.15 18.94
C LEU A 173 7.35 20.30 19.95
N SER A 174 6.43 21.26 19.90
CA SER A 174 6.46 22.40 20.82
C SER A 174 6.16 21.96 22.25
N GLN A 175 5.17 21.10 22.41
CA GLN A 175 4.78 20.59 23.73
C GLN A 175 5.97 19.94 24.45
N HIS A 176 6.88 19.34 23.70
CA HIS A 176 8.01 18.69 24.34
C HIS A 176 9.30 19.50 24.27
N ASN A 177 9.17 20.77 23.91
CA ASN A 177 10.31 21.70 23.86
C ASN A 177 11.44 21.32 22.90
N PHE A 178 11.09 20.77 21.74
CA PHE A 178 12.12 20.56 20.73
C PHE A 178 12.57 21.93 20.20
N PRO A 179 13.87 22.06 19.89
CA PRO A 179 14.39 23.28 19.27
C PRO A 179 13.65 23.63 17.99
N HIS A 180 13.62 24.90 17.64
CA HIS A 180 13.07 25.29 16.36
C HIS A 180 13.90 24.66 15.26
N GLY A 181 13.27 24.28 14.15
CA GLY A 181 13.99 23.74 13.02
C GLY A 181 13.17 23.83 11.74
N VAL A 182 13.73 23.38 10.63
CA VAL A 182 12.94 23.25 9.41
C VAL A 182 12.11 21.99 9.51
N VAL A 183 10.81 22.07 9.29
CA VAL A 183 9.98 20.87 9.30
C VAL A 183 9.42 20.57 7.90
N SER A 184 9.54 19.33 7.49
CA SER A 184 9.11 18.90 6.17
C SER A 184 8.22 17.66 6.26
N PHE A 185 7.13 17.68 5.50
CA PHE A 185 6.15 16.61 5.50
C PHE A 185 6.00 15.94 4.14
N CYS A 186 5.29 14.83 4.13
CA CYS A 186 4.88 14.19 2.89
C CYS A 186 3.64 14.89 2.37
N ASP A 187 3.43 14.83 1.06
CA ASP A 187 2.39 15.63 0.43
C ASP A 187 1.00 15.06 0.64
N GLY A 188 0.91 13.84 1.16
CA GLY A 188 -0.38 13.25 1.41
C GLY A 188 -1.01 12.67 0.16
N LEU A 189 -0.24 12.60 -0.91
CA LEU A 189 -0.78 12.24 -2.22
C LEU A 189 -0.30 10.88 -2.74
N THR A 190 0.99 10.58 -2.59
CA THR A 190 1.57 9.43 -3.28
C THR A 190 1.75 8.21 -2.38
N HIS A 191 2.05 8.46 -1.10
CA HIS A 191 2.19 7.40 -0.10
C HIS A 191 3.38 6.49 -0.30
N ASP A 192 4.52 7.09 -0.63
CA ASP A 192 5.81 6.45 -0.50
C ASP A 192 6.63 7.44 0.29
N PRO A 193 6.45 7.44 1.62
CA PRO A 193 7.09 8.45 2.46
C PRO A 193 8.60 8.39 2.41
N LEU A 194 9.19 7.20 2.37
CA LEU A 194 10.64 7.10 2.27
C LEU A 194 11.14 7.76 1.00
N ARG A 195 10.42 7.56 -0.09
CA ARG A 195 10.78 8.18 -1.36
C ARG A 195 10.66 9.71 -1.26
N GLN A 196 9.59 10.16 -0.61
CA GLN A 196 9.34 11.59 -0.43
C GLN A 196 10.41 12.26 0.41
N LYS A 197 10.82 11.58 1.48
CA LYS A 197 11.85 12.10 2.38
C LYS A 197 13.17 12.23 1.65
N ALA A 198 13.52 11.21 0.87
CA ALA A 198 14.79 11.18 0.14
C ALA A 198 14.88 12.32 -0.86
N MET A 199 13.83 12.51 -1.64
CA MET A 199 13.85 13.57 -2.62
C MET A 199 13.92 14.92 -1.95
N PHE A 200 13.19 15.11 -0.84
CA PHE A 200 13.25 16.40 -0.19
C PHE A 200 14.67 16.67 0.25
N LEU A 201 15.30 15.69 0.87
CA LEU A 201 16.66 15.91 1.35
C LEU A 201 17.65 16.14 0.21
N GLN A 202 17.48 15.42 -0.89
CA GLN A 202 18.37 15.62 -2.04
C GLN A 202 18.19 17.05 -2.58
N SER A 203 16.96 17.56 -2.57
CA SER A 203 16.74 18.92 -3.04
C SER A 203 17.50 19.89 -2.12
N LEU A 204 17.55 19.57 -0.83
CA LEU A 204 18.31 20.41 0.10
C LEU A 204 19.77 20.47 -0.30
N VAL A 205 20.34 19.32 -0.64
CA VAL A 205 21.76 19.29 -0.94
C VAL A 205 22.03 19.92 -2.31
N GLN A 206 21.23 19.53 -3.30
CA GLN A 206 21.51 19.90 -4.68
C GLN A 206 21.01 21.29 -5.06
N GLU A 207 19.88 21.70 -4.50
CA GLU A 207 19.26 22.96 -4.88
C GLU A 207 19.64 24.13 -3.97
N VAL A 208 19.62 23.91 -2.65
CA VAL A 208 19.89 24.97 -1.69
C VAL A 208 21.33 24.86 -1.20
N GLU A 209 21.98 23.77 -1.58
CA GLU A 209 23.40 23.60 -1.33
C GLU A 209 23.73 23.42 0.16
N LEU A 210 22.85 22.75 0.90
CA LEU A 210 23.18 22.42 2.29
C LEU A 210 24.25 21.36 2.37
N ASN A 211 25.05 21.45 3.42
CA ASN A 211 25.95 20.37 3.78
C ASN A 211 25.34 19.59 4.95
N ILE A 212 24.66 18.50 4.62
CA ILE A 212 24.07 17.65 5.64
C ILE A 212 25.15 16.76 6.20
N VAL A 213 25.56 17.00 7.45
CA VAL A 213 26.71 16.29 8.03
C VAL A 213 26.31 15.04 8.83
N ALA A 214 25.04 14.92 9.19
CA ALA A 214 24.59 13.77 9.98
C ALA A 214 23.08 13.53 9.90
N GLY A 215 22.69 12.27 10.06
CA GLY A 215 21.29 11.88 9.98
C GLY A 215 20.88 10.94 11.10
N TYR A 216 19.76 11.26 11.72
CA TYR A 216 19.20 10.49 12.82
C TYR A 216 17.91 9.89 12.40
N GLY A 217 17.64 8.67 12.85
CA GLY A 217 16.35 8.05 12.60
C GLY A 217 16.16 6.64 13.10
N SER A 218 15.21 5.95 12.46
CA SER A 218 14.86 4.55 12.68
C SER A 218 15.44 3.71 11.57
N PRO A 219 15.39 2.39 11.72
CA PRO A 219 15.97 1.48 10.71
C PRO A 219 15.50 1.76 9.28
N LYS A 220 14.24 2.12 9.08
CA LYS A 220 13.78 2.44 7.72
C LYS A 220 14.52 3.66 7.12
N ASP A 221 15.02 4.55 7.97
CA ASP A 221 15.66 5.78 7.50
C ASP A 221 17.05 5.55 6.95
N VAL A 222 17.62 4.37 7.21
CA VAL A 222 18.97 4.07 6.77
C VAL A 222 19.09 4.23 5.26
N ALA A 223 18.06 3.80 4.52
CA ALA A 223 18.07 3.89 3.05
C ALA A 223 18.00 5.34 2.61
N VAL A 224 17.20 6.13 3.33
CA VAL A 224 17.07 7.54 3.02
C VAL A 224 18.44 8.23 3.04
N TYR A 225 19.19 7.98 4.11
CA TYR A 225 20.51 8.58 4.31
C TYR A 225 21.56 8.00 3.36
N ALA A 226 21.46 6.70 3.07
CA ALA A 226 22.32 6.08 2.06
C ALA A 226 22.11 6.78 0.74
N ALA A 227 20.85 7.10 0.44
CA ALA A 227 20.50 7.74 -0.82
C ALA A 227 21.12 9.13 -0.95
N LEU A 228 21.37 9.78 0.19
CA LEU A 228 22.04 11.08 0.18
C LEU A 228 23.55 10.98 0.10
N GLY A 229 24.08 9.78 0.23
CA GLY A 229 25.52 9.59 0.16
C GLY A 229 26.18 9.76 1.52
N LEU A 230 25.35 9.83 2.56
CA LEU A 230 25.83 9.96 3.92
C LEU A 230 26.51 8.67 4.30
N SER A 231 27.67 8.74 4.95
CA SER A 231 28.35 7.51 5.32
C SER A 231 27.77 6.91 6.60
N PRO A 232 28.01 5.61 6.82
CA PRO A 232 27.53 4.89 8.00
C PRO A 232 27.87 5.62 9.30
N SER A 233 29.07 6.19 9.35
CA SER A 233 29.56 6.84 10.57
C SER A 233 28.80 8.12 10.88
N GLN A 234 28.08 8.63 9.89
CA GLN A 234 27.28 9.83 10.06
C GLN A 234 25.79 9.51 10.24
N THR A 235 25.46 8.23 10.28
CA THR A 235 24.07 7.79 10.34
C THR A 235 23.75 7.20 11.71
N TYR A 236 22.91 7.88 12.49
CA TYR A 236 22.66 7.46 13.85
C TYR A 236 21.25 6.92 13.99
N ILE A 237 21.20 5.64 14.35
CA ILE A 237 19.95 4.87 14.31
C ILE A 237 19.58 4.16 15.61
N VAL A 238 18.32 4.26 16.00
CA VAL A 238 17.77 3.48 17.11
C VAL A 238 17.08 2.25 16.54
N GLY A 239 16.84 1.25 17.38
CA GLY A 239 16.19 0.02 16.97
C GLY A 239 16.75 -1.19 17.70
N ARG A 240 16.51 -2.39 17.19
CA ARG A 240 16.91 -3.60 17.92
C ARG A 240 17.82 -4.58 17.18
N ALA A 241 17.74 -4.61 15.84
CA ALA A 241 18.53 -5.61 15.10
C ALA A 241 20.00 -5.19 15.16
N VAL A 242 20.73 -5.78 16.11
CA VAL A 242 22.07 -5.33 16.41
C VAL A 242 23.07 -5.54 15.28
N ARG A 243 23.22 -6.79 14.83
CA ARG A 243 24.24 -7.09 13.84
C ARG A 243 23.88 -6.50 12.49
N LYS A 244 22.60 -6.55 12.14
CA LYS A 244 22.19 -5.95 10.87
C LYS A 244 22.48 -4.46 10.79
N LEU A 245 22.24 -3.73 11.89
CA LEU A 245 22.30 -2.26 11.84
C LEU A 245 23.72 -1.77 12.00
N GLN A 246 24.51 -2.51 12.77
CA GLN A 246 25.89 -2.18 13.03
C GLN A 246 26.66 -2.14 11.73
N ALA A 247 26.20 -2.92 10.77
CA ALA A 247 26.90 -2.98 9.50
C ALA A 247 26.66 -1.78 8.57
N GLN A 248 25.58 -1.04 8.79
CA GLN A 248 25.25 0.04 7.85
C GLN A 248 25.11 1.43 8.50
N CYS A 249 25.41 1.53 9.79
CA CYS A 249 25.16 2.79 10.50
C CYS A 249 25.72 2.73 11.91
N GLN A 250 25.62 3.85 12.60
CA GLN A 250 25.96 3.85 14.02
C GLN A 250 24.70 3.61 14.84
N PHE A 251 24.68 2.41 15.39
CA PHE A 251 23.56 1.92 16.18
C PHE A 251 23.62 2.41 17.61
N LEU A 252 22.54 3.05 18.04
CA LEU A 252 22.44 3.60 19.38
C LEU A 252 21.75 2.60 20.29
N SER A 253 22.43 1.49 20.58
CA SER A 253 21.83 0.39 21.31
C SER A 253 21.38 0.81 22.72
N ASP A 254 22.08 1.77 23.31
CA ASP A 254 21.76 2.25 24.65
C ASP A 254 20.75 3.39 24.71
N GLY A 255 20.33 3.90 23.56
CA GLY A 255 19.41 5.04 23.58
C GLY A 255 20.10 6.39 23.52
N TYR A 256 19.30 7.45 23.63
CA TYR A 256 19.80 8.80 23.39
C TYR A 256 20.62 9.34 24.58
N VAL A 257 20.25 8.95 25.80
CA VAL A 257 20.95 9.45 26.98
C VAL A 257 22.45 9.13 27.01
N ALA A 258 22.79 7.85 26.83
CA ALA A 258 24.18 7.46 26.71
C ALA A 258 24.81 8.16 25.51
N HIS A 259 24.04 8.26 24.42
CA HIS A 259 24.56 8.87 23.18
C HIS A 259 24.91 10.34 23.38
N LEU A 260 24.07 11.06 24.13
CA LEU A 260 24.30 12.47 24.45
C LEU A 260 25.64 12.60 25.18
N GLY A 261 25.89 11.65 26.07
CA GLY A 261 27.16 11.59 26.76
C GLY A 261 28.32 11.51 25.80
N GLN A 262 28.17 10.75 24.71
CA GLN A 262 29.24 10.61 23.73
C GLN A 262 29.36 11.84 22.82
N LEU A 263 28.23 12.48 22.54
CA LEU A 263 28.25 13.72 21.77
C LEU A 263 29.03 14.77 22.55
N GLU A 264 28.72 14.87 23.83
CA GLU A 264 29.31 15.90 24.66
C GLU A 264 30.81 15.67 24.83
N ALA A 265 31.22 14.41 24.68
CA ALA A 265 32.62 14.03 24.80
C ALA A 265 33.34 14.16 23.47
N GLY A 266 32.59 14.40 22.40
CA GLY A 266 33.16 14.52 21.07
C GLY A 266 33.74 13.19 20.60
N SER A 267 33.15 12.09 21.06
CA SER A 267 33.62 10.80 20.64
C SER A 267 32.39 10.11 20.12
N HIS A 268 31.92 10.61 18.98
CA HIS A 268 30.74 10.04 18.34
C HIS A 268 31.02 9.43 16.96
N SER A 269 32.16 9.73 16.36
CA SER A 269 32.47 9.21 15.03
C SER A 269 33.44 8.02 15.08
N ASN B 8 -4.46 -15.11 -26.62
CA ASN B 8 -4.48 -13.89 -25.82
C ASN B 8 -4.97 -14.18 -24.41
N VAL B 9 -4.03 -14.22 -23.48
CA VAL B 9 -4.24 -14.75 -22.14
C VAL B 9 -3.54 -13.94 -21.09
N THR B 10 -4.09 -13.88 -19.88
CA THR B 10 -3.49 -13.07 -18.83
C THR B 10 -2.11 -13.62 -18.49
N SER B 11 -1.14 -12.72 -18.31
CA SER B 11 0.18 -13.10 -17.86
C SER B 11 0.11 -13.63 -16.42
N ASN B 12 0.96 -14.60 -16.10
CA ASN B 12 1.10 -15.04 -14.72
C ASN B 12 2.60 -15.20 -14.45
N HIS B 13 3.33 -14.10 -14.60
CA HIS B 13 4.77 -14.09 -14.41
C HIS B 13 5.10 -13.97 -12.93
N ARG B 14 6.22 -14.53 -12.51
CA ARG B 14 6.69 -14.33 -11.14
C ARG B 14 8.20 -14.36 -11.10
N ALA B 15 8.78 -13.49 -10.29
CA ALA B 15 10.21 -13.50 -10.03
C ALA B 15 10.43 -13.72 -8.54
N SER B 16 11.46 -14.50 -8.22
CA SER B 16 11.74 -14.85 -6.83
C SER B 16 12.44 -13.76 -6.06
N ASP B 17 11.96 -13.51 -4.84
CA ASP B 17 12.72 -12.67 -3.92
C ASP B 17 14.06 -13.37 -3.74
N THR B 18 15.15 -12.66 -4.01
CA THR B 18 16.48 -13.22 -3.85
C THR B 18 17.11 -12.63 -2.60
N VAL B 19 17.65 -13.49 -1.75
CA VAL B 19 18.40 -13.04 -0.58
C VAL B 19 19.82 -13.53 -0.69
N VAL B 20 20.78 -12.63 -0.49
CA VAL B 20 22.17 -13.01 -0.68
C VAL B 20 23.07 -12.25 0.27
N CYS B 21 24.10 -12.94 0.74
CA CYS B 21 25.09 -12.33 1.60
C CYS B 21 26.01 -11.47 0.74
N GLU B 22 26.43 -10.32 1.25
CA GLU B 22 27.31 -9.44 0.47
C GLU B 22 28.60 -10.19 0.11
N GLY B 23 29.13 -9.96 -1.08
CA GLY B 23 30.35 -10.63 -1.49
C GLY B 23 30.15 -11.90 -2.28
N ARG B 24 28.97 -12.48 -2.16
CA ARG B 24 28.63 -13.69 -2.91
C ARG B 24 28.00 -13.30 -4.26
N PRO B 25 28.11 -14.21 -5.25
CA PRO B 25 27.48 -13.97 -6.55
C PRO B 25 25.97 -13.69 -6.43
N GLN B 26 25.52 -12.66 -7.12
CA GLN B 26 24.12 -12.29 -7.07
C GLN B 26 23.42 -12.79 -8.34
N VAL B 27 22.40 -13.61 -8.16
CA VAL B 27 21.69 -14.24 -9.29
C VAL B 27 20.20 -14.01 -9.17
N LEU B 28 19.60 -13.46 -10.21
CA LEU B 28 18.15 -13.25 -10.21
C LEU B 28 17.46 -14.27 -11.10
N ASN B 29 16.34 -14.80 -10.62
CA ASN B 29 15.60 -15.75 -11.44
C ASN B 29 14.12 -15.40 -11.56
N GLY B 30 13.50 -15.88 -12.64
CA GLY B 30 12.08 -15.68 -12.85
C GLY B 30 11.44 -16.76 -13.68
N ARG B 31 10.11 -16.74 -13.74
CA ARG B 31 9.39 -17.65 -14.63
C ARG B 31 8.22 -16.94 -15.31
N PHE B 32 8.08 -17.19 -16.61
CA PHE B 32 7.13 -16.45 -17.42
C PHE B 32 6.13 -17.37 -18.12
N MET B 33 4.89 -17.22 -17.67
CA MET B 33 3.79 -18.12 -17.98
C MET B 33 2.54 -17.30 -18.26
N TYR B 34 1.57 -17.92 -18.93
CA TYR B 34 0.29 -17.28 -19.18
C TYR B 34 -0.84 -18.18 -18.72
N GLY B 35 -1.93 -17.55 -18.30
CA GLY B 35 -3.10 -18.24 -17.81
C GLY B 35 -2.91 -18.70 -16.38
N PRO B 36 -4.03 -18.92 -15.67
CA PRO B 36 -3.97 -19.58 -14.37
C PRO B 36 -3.69 -21.05 -14.62
N LEU B 37 -2.94 -21.67 -13.71
CA LEU B 37 -2.51 -23.06 -13.88
C LEU B 37 -1.47 -23.20 -14.98
N ASP B 38 -0.83 -22.09 -15.32
CA ASP B 38 0.32 -22.10 -16.23
C ASP B 38 0.05 -22.84 -17.55
N VAL B 39 -1.08 -22.55 -18.15
CA VAL B 39 -1.47 -23.22 -19.39
C VAL B 39 -0.45 -23.00 -20.49
N VAL B 40 0.09 -21.79 -20.55
CA VAL B 40 1.08 -21.46 -21.55
C VAL B 40 2.43 -21.15 -20.93
N THR B 41 3.49 -21.66 -21.56
CA THR B 41 4.85 -21.41 -21.11
C THR B 41 5.51 -20.42 -22.09
N LEU B 42 6.20 -19.41 -21.57
CA LEU B 42 6.89 -18.47 -22.45
C LEU B 42 8.31 -18.96 -22.71
N THR B 43 8.57 -19.49 -23.90
CA THR B 43 9.86 -20.12 -24.21
C THR B 43 10.63 -19.38 -25.29
N GLY B 44 11.92 -19.24 -25.08
CA GLY B 44 12.79 -18.61 -26.05
C GLY B 44 12.45 -17.17 -26.36
N GLU B 45 11.98 -16.42 -25.37
CA GLU B 45 11.66 -15.01 -25.60
C GLU B 45 12.54 -14.12 -24.74
N LYS B 46 12.80 -12.92 -25.23
CA LYS B 46 13.64 -11.97 -24.51
C LYS B 46 12.93 -11.36 -23.30
N VAL B 47 13.67 -11.23 -22.21
CA VAL B 47 13.22 -10.57 -21.00
C VAL B 47 14.28 -9.55 -20.59
N ASP B 48 13.89 -8.30 -20.46
CA ASP B 48 14.82 -7.26 -20.02
C ASP B 48 14.79 -7.18 -18.47
N VAL B 49 15.96 -7.14 -17.85
CA VAL B 49 16.05 -7.14 -16.40
C VAL B 49 16.45 -5.77 -15.87
N TYR B 50 15.60 -5.21 -15.02
CA TYR B 50 15.88 -3.90 -14.42
C TYR B 50 16.06 -4.01 -12.92
N VAL B 51 17.01 -3.24 -12.40
CA VAL B 51 17.15 -3.10 -10.97
C VAL B 51 17.15 -1.63 -10.61
N MET B 52 16.47 -1.29 -9.51
CA MET B 52 16.42 0.08 -9.06
C MET B 52 17.57 0.25 -8.05
N THR B 53 18.76 0.53 -8.59
CA THR B 53 20.00 0.53 -7.83
C THR B 53 19.97 1.59 -6.72
N GLN B 54 19.22 2.67 -6.93
CA GLN B 54 18.89 3.58 -5.86
C GLN B 54 17.44 3.32 -5.47
N PRO B 55 17.24 2.46 -4.46
CA PRO B 55 15.92 1.89 -4.16
C PRO B 55 14.83 2.92 -3.94
N LEU B 56 15.22 4.14 -3.57
CA LEU B 56 14.28 5.20 -3.26
C LEU B 56 14.11 6.20 -4.40
N SER B 57 14.95 6.09 -5.42
CA SER B 57 14.96 7.06 -6.52
C SER B 57 13.75 6.90 -7.45
N GLY B 58 13.20 5.70 -7.49
CA GLY B 58 12.17 5.37 -8.44
C GLY B 58 12.70 5.13 -9.85
N LYS B 59 14.03 5.14 -10.02
CA LYS B 59 14.63 4.98 -11.35
C LYS B 59 15.21 3.60 -11.61
N TRP B 60 14.74 2.98 -12.70
CA TRP B 60 15.14 1.64 -13.11
C TRP B 60 16.40 1.69 -13.97
N ILE B 61 17.35 0.79 -13.68
CA ILE B 61 18.57 0.68 -14.48
C ILE B 61 18.56 -0.66 -15.23
N HIS B 62 18.73 -0.62 -16.55
CA HIS B 62 18.75 -1.84 -17.35
C HIS B 62 20.04 -2.63 -17.09
N PHE B 63 19.91 -3.89 -16.63
CA PHE B 63 21.09 -4.67 -16.25
C PHE B 63 21.47 -5.63 -17.36
N GLY B 64 20.48 -6.01 -18.16
CA GLY B 64 20.74 -6.92 -19.25
C GLY B 64 19.50 -7.62 -19.75
N THR B 65 19.74 -8.57 -20.64
CA THR B 65 18.66 -9.28 -21.28
C THR B 65 18.97 -10.76 -21.31
N GLU B 66 17.96 -11.57 -21.05
CA GLU B 66 18.07 -13.03 -21.13
C GLU B 66 16.92 -13.61 -21.92
N VAL B 67 17.08 -14.86 -22.30
CA VAL B 67 16.07 -15.57 -23.04
C VAL B 67 15.56 -16.66 -22.13
N THR B 68 14.26 -16.85 -22.12
CA THR B 68 13.67 -17.90 -21.30
C THR B 68 13.97 -19.26 -21.93
N ASN B 69 13.98 -20.29 -21.10
CA ASN B 69 14.23 -21.63 -21.58
C ASN B 69 12.91 -22.37 -21.80
N SER B 70 13.02 -23.68 -22.03
CA SER B 70 11.87 -24.51 -22.40
C SER B 70 10.76 -24.53 -21.35
N SER B 71 11.07 -24.30 -20.08
CA SER B 71 10.02 -24.30 -19.06
C SER B 71 9.64 -22.88 -18.66
N GLY B 72 10.07 -21.90 -19.46
CA GLY B 72 9.65 -20.53 -19.27
C GLY B 72 10.47 -19.85 -18.19
N ARG B 73 11.56 -20.48 -17.78
CA ARG B 73 12.30 -19.99 -16.63
C ARG B 73 13.47 -19.15 -17.09
N LEU B 74 13.91 -18.28 -16.19
CA LEU B 74 14.95 -17.33 -16.51
C LEU B 74 15.91 -17.19 -15.34
N THR B 75 17.21 -17.18 -15.66
CA THR B 75 18.25 -16.98 -14.67
C THR B 75 19.17 -15.86 -15.17
N PHE B 76 19.43 -14.86 -14.32
CA PHE B 76 20.31 -13.78 -14.72
C PHE B 76 21.36 -13.50 -13.65
N PRO B 77 22.63 -13.80 -13.97
CA PRO B 77 23.67 -13.42 -13.00
C PRO B 77 24.01 -11.94 -13.09
N VAL B 78 24.02 -11.28 -11.94
CA VAL B 78 24.43 -9.90 -11.92
C VAL B 78 25.94 -9.83 -12.13
N PRO B 79 26.37 -9.17 -13.21
CA PRO B 79 27.80 -9.00 -13.51
C PRO B 79 28.47 -8.31 -12.33
N SER B 80 29.66 -8.78 -11.96
CA SER B 80 30.35 -8.30 -10.77
C SER B 80 30.59 -6.79 -10.78
N GLU B 81 30.64 -6.22 -11.97
CA GLU B 81 30.82 -4.77 -12.09
C GLU B 81 29.62 -4.01 -11.52
N ARG B 82 28.46 -4.66 -11.47
CA ARG B 82 27.24 -4.01 -11.00
C ARG B 82 26.71 -4.64 -9.71
N ALA B 83 27.53 -5.42 -9.03
CA ALA B 83 27.10 -6.08 -7.80
C ALA B 83 26.61 -5.05 -6.80
N LEU B 84 25.49 -5.34 -6.13
CA LEU B 84 24.95 -4.36 -5.21
C LEU B 84 25.45 -4.50 -3.79
N GLY B 85 25.58 -3.37 -3.10
CA GLY B 85 25.98 -3.40 -1.70
C GLY B 85 24.78 -3.73 -0.82
N ILE B 86 24.97 -3.73 0.49
CA ILE B 86 23.87 -4.00 1.44
C ILE B 86 22.65 -3.13 1.16
N GLY B 87 21.46 -3.74 1.14
CA GLY B 87 20.22 -3.03 0.90
C GLY B 87 19.13 -3.92 0.32
N VAL B 88 17.96 -3.33 0.09
CA VAL B 88 16.83 -4.00 -0.54
C VAL B 88 16.52 -3.28 -1.86
N TYR B 89 16.62 -3.98 -2.97
CA TYR B 89 16.48 -3.35 -4.26
C TYR B 89 15.30 -3.88 -5.07
N PRO B 90 14.39 -2.99 -5.46
CA PRO B 90 13.32 -3.41 -6.38
C PRO B 90 13.92 -3.95 -7.68
N VAL B 91 13.30 -4.99 -8.23
CA VAL B 91 13.69 -5.63 -9.46
C VAL B 91 12.49 -5.81 -10.40
N ARG B 92 12.66 -5.51 -11.69
CA ARG B 92 11.58 -5.76 -12.63
C ARG B 92 12.04 -6.51 -13.86
N MET B 93 11.33 -7.60 -14.18
CA MET B 93 11.64 -8.38 -15.38
C MET B 93 10.52 -8.23 -16.40
N VAL B 94 10.86 -7.67 -17.55
CA VAL B 94 9.90 -7.29 -18.58
C VAL B 94 10.00 -8.11 -19.87
N VAL B 95 8.92 -8.78 -20.23
CA VAL B 95 8.87 -9.50 -21.51
C VAL B 95 8.85 -8.47 -22.62
N ARG B 96 9.85 -8.49 -23.51
CA ARG B 96 9.93 -7.43 -24.49
C ARG B 96 8.79 -7.50 -25.51
N GLY B 97 8.33 -8.71 -25.80
CA GLY B 97 7.29 -8.90 -26.80
C GLY B 97 5.94 -8.26 -26.49
N ASP B 98 5.55 -8.21 -25.22
CA ASP B 98 4.24 -7.64 -24.89
C ASP B 98 4.22 -6.70 -23.67
N HIS B 99 5.39 -6.39 -23.13
CA HIS B 99 5.50 -5.38 -22.06
C HIS B 99 4.83 -5.86 -20.78
N THR B 100 4.61 -7.16 -20.63
CA THR B 100 4.18 -7.66 -19.32
C THR B 100 5.39 -7.94 -18.45
N TYR B 101 5.18 -7.98 -17.14
CA TYR B 101 6.33 -8.11 -16.26
C TYR B 101 6.07 -8.78 -14.93
N ALA B 102 7.18 -9.10 -14.27
CA ALA B 102 7.16 -9.60 -12.91
C ALA B 102 8.07 -8.72 -12.08
N GLU B 103 7.77 -8.65 -10.80
CA GLU B 103 8.51 -7.81 -9.90
C GLU B 103 8.91 -8.57 -8.65
N CYS B 104 10.04 -8.18 -8.07
CA CYS B 104 10.56 -8.82 -6.88
C CYS B 104 11.61 -7.91 -6.27
N CYS B 105 12.26 -8.38 -5.22
CA CYS B 105 13.31 -7.58 -4.61
C CYS B 105 14.56 -8.41 -4.47
N LEU B 106 15.69 -7.74 -4.61
CA LEU B 106 16.95 -8.33 -4.27
C LEU B 106 17.41 -7.81 -2.91
N THR B 107 17.57 -8.71 -1.95
CA THR B 107 18.04 -8.35 -0.62
C THR B 107 19.48 -8.84 -0.38
N VAL B 108 20.38 -7.89 -0.22
CA VAL B 108 21.77 -8.16 0.06
C VAL B 108 22.04 -7.91 1.54
N VAL B 109 22.56 -8.91 2.26
CA VAL B 109 22.75 -8.73 3.69
C VAL B 109 24.18 -8.92 4.09
N SER B 110 24.53 -8.36 5.24
CA SER B 110 25.79 -8.67 5.89
C SER B 110 25.62 -9.95 6.70
N ARG B 111 26.71 -10.66 6.92
CA ARG B 111 26.72 -11.88 7.70
C ARG B 111 26.12 -11.71 9.09
N GLY B 112 25.29 -12.64 9.51
CA GLY B 112 24.73 -12.64 10.84
C GLY B 112 23.54 -11.72 10.98
N THR B 113 23.01 -11.24 9.86
CA THR B 113 21.81 -10.41 9.89
C THR B 113 20.65 -11.12 10.59
N GLU B 114 19.98 -10.40 11.47
CA GLU B 114 18.91 -10.96 12.30
C GLU B 114 17.62 -11.02 11.49
N ALA B 115 16.84 -12.09 11.66
CA ALA B 115 15.66 -12.25 10.83
C ALA B 115 14.55 -12.93 11.61
N VAL B 116 13.31 -12.64 11.22
CA VAL B 116 12.17 -13.27 11.86
C VAL B 116 11.35 -13.95 10.75
N VAL B 117 10.97 -15.19 11.00
CA VAL B 117 10.24 -15.96 10.00
C VAL B 117 8.77 -16.09 10.36
N PHE B 118 7.92 -15.79 9.38
CA PHE B 118 6.48 -15.96 9.52
C PHE B 118 5.99 -16.99 8.52
N SER B 119 5.36 -18.04 9.04
CA SER B 119 4.72 -19.02 8.19
C SER B 119 3.39 -18.42 7.76
N ILE B 120 3.31 -18.01 6.50
CA ILE B 120 2.17 -17.29 5.96
C ILE B 120 0.89 -18.09 6.14
N ASP B 121 1.02 -19.39 5.98
CA ASP B 121 -0.11 -20.28 5.91
C ASP B 121 -0.91 -20.27 7.20
N GLY B 122 -0.21 -20.40 8.32
CA GLY B 122 -0.86 -20.57 9.61
C GLY B 122 -0.63 -19.51 10.68
N SER B 123 0.17 -18.50 10.39
CA SER B 123 0.47 -17.51 11.41
C SER B 123 -0.55 -16.38 11.57
N PHE B 124 -1.20 -15.99 10.48
CA PHE B 124 -2.01 -14.77 10.47
C PHE B 124 -3.52 -14.88 10.56
N THR B 125 -4.05 -16.06 10.30
CA THR B 125 -5.49 -16.25 10.09
C THR B 125 -6.20 -17.08 11.16
N ALA B 126 -7.52 -16.86 11.26
CA ALA B 126 -8.40 -17.60 12.16
C ALA B 126 -9.86 -17.49 11.71
N SER B 127 -10.70 -18.43 12.14
CA SER B 127 -12.11 -18.45 11.73
C SER B 127 -13.05 -17.76 12.73
N PRO B 135 -12.18 -17.19 7.35
CA PRO B 135 -10.75 -17.15 7.67
C PRO B 135 -10.23 -15.72 7.88
N LYS B 136 -10.73 -15.03 8.90
CA LYS B 136 -10.26 -13.68 9.24
C LYS B 136 -8.80 -13.56 9.65
N VAL B 137 -8.19 -12.45 9.26
CA VAL B 137 -6.85 -12.13 9.73
C VAL B 137 -6.90 -11.78 11.23
N ARG B 138 -6.00 -12.37 11.99
CA ARG B 138 -5.99 -12.18 13.44
C ARG B 138 -5.69 -10.74 13.80
N ALA B 139 -6.31 -10.28 14.88
CA ALA B 139 -6.11 -8.94 15.40
C ALA B 139 -4.67 -8.82 15.88
N GLY B 140 -4.02 -7.73 15.50
CA GLY B 140 -2.68 -7.47 15.98
C GLY B 140 -1.58 -8.19 15.19
N ALA B 141 -1.96 -9.02 14.23
CA ALA B 141 -0.94 -9.76 13.46
C ALA B 141 -0.07 -8.83 12.59
N VAL B 142 -0.71 -7.92 11.87
CA VAL B 142 0.01 -6.94 11.06
C VAL B 142 0.95 -6.07 11.90
N ASP B 143 0.48 -5.67 13.08
CA ASP B 143 1.27 -4.85 14.00
C ASP B 143 2.49 -5.59 14.53
N VAL B 144 2.33 -6.89 14.77
CA VAL B 144 3.45 -7.69 15.24
C VAL B 144 4.52 -7.77 14.16
N VAL B 145 4.12 -7.97 12.91
CA VAL B 145 5.13 -8.03 11.87
C VAL B 145 5.85 -6.65 11.76
N ARG B 146 5.09 -5.56 11.79
CA ARG B 146 5.68 -4.22 11.65
C ARG B 146 6.59 -3.89 12.84
N HIS B 147 6.28 -4.43 14.01
CA HIS B 147 7.17 -4.22 15.15
C HIS B 147 8.56 -4.75 14.81
N TRP B 148 8.61 -5.95 14.25
CA TRP B 148 9.88 -6.57 13.96
C TRP B 148 10.60 -5.82 12.85
N GLN B 149 9.88 -5.48 11.79
CA GLN B 149 10.50 -4.77 10.68
C GLN B 149 11.00 -3.39 11.07
N ASP B 150 10.16 -2.60 11.73
CA ASP B 150 10.53 -1.26 12.20
C ASP B 150 11.73 -1.29 13.15
N SER B 151 11.94 -2.42 13.82
CA SER B 151 13.07 -2.58 14.73
C SER B 151 14.34 -2.96 13.98
N GLY B 152 14.18 -3.18 12.67
CA GLY B 152 15.32 -3.41 11.79
C GLY B 152 15.59 -4.86 11.44
N TYR B 153 14.68 -5.76 11.79
CA TYR B 153 14.87 -7.17 11.49
C TYR B 153 14.41 -7.51 10.08
N LEU B 154 15.12 -8.41 9.43
CA LEU B 154 14.70 -8.87 8.13
C LEU B 154 13.45 -9.75 8.26
N ILE B 155 12.39 -9.43 7.52
CA ILE B 155 11.17 -10.22 7.59
C ILE B 155 11.16 -11.32 6.52
N VAL B 156 10.94 -12.56 6.93
CA VAL B 156 10.87 -13.66 5.97
C VAL B 156 9.49 -14.33 6.05
N TYR B 157 8.74 -14.23 4.96
CA TYR B 157 7.43 -14.86 4.84
C TYR B 157 7.60 -16.16 4.07
N VAL B 158 7.18 -17.28 4.67
CA VAL B 158 7.28 -18.55 3.96
C VAL B 158 5.90 -19.16 3.79
N THR B 159 5.70 -19.80 2.64
CA THR B 159 4.44 -20.44 2.34
C THR B 159 4.67 -21.77 1.64
N GLY B 160 3.76 -22.72 1.84
CA GLY B 160 3.83 -24.01 1.19
C GLY B 160 3.28 -23.98 -0.24
N ARG B 161 2.57 -22.92 -0.59
CA ARG B 161 2.05 -22.78 -1.96
C ARG B 161 3.16 -22.70 -3.01
N PRO B 162 2.85 -23.10 -4.24
CA PRO B 162 3.73 -22.94 -5.41
C PRO B 162 3.75 -21.50 -5.87
N ASP B 163 4.87 -21.04 -6.41
CA ASP B 163 4.98 -19.64 -6.77
C ASP B 163 4.00 -19.30 -7.91
N MET B 164 3.34 -20.32 -8.45
CA MET B 164 2.26 -20.11 -9.41
C MET B 164 1.20 -19.22 -8.76
N GLN B 165 1.12 -19.28 -7.44
CA GLN B 165 0.16 -18.50 -6.67
C GLN B 165 0.76 -17.23 -6.05
N LYS B 166 1.94 -16.82 -6.53
CA LYS B 166 2.63 -15.69 -5.93
C LYS B 166 1.81 -14.40 -5.96
N HIS B 167 1.27 -14.06 -7.14
CA HIS B 167 0.42 -12.87 -7.29
C HIS B 167 -0.68 -12.86 -6.26
N ARG B 168 -1.22 -14.04 -6.04
CA ARG B 168 -2.35 -14.23 -5.16
C ARG B 168 -1.94 -13.98 -3.70
N VAL B 169 -0.81 -14.54 -3.28
CA VAL B 169 -0.30 -14.30 -1.93
C VAL B 169 0.11 -12.84 -1.72
N VAL B 170 0.81 -12.29 -2.69
CA VAL B 170 1.27 -10.90 -2.56
C VAL B 170 0.07 -9.93 -2.49
N ALA B 171 -0.97 -10.17 -3.28
CA ALA B 171 -2.19 -9.36 -3.20
C ALA B 171 -2.83 -9.48 -1.81
N TRP B 172 -2.81 -10.67 -1.25
CA TRP B 172 -3.38 -10.84 0.09
C TRP B 172 -2.59 -10.03 1.14
N LEU B 173 -1.26 -10.15 1.11
CA LEU B 173 -0.41 -9.45 2.05
C LEU B 173 -0.56 -7.94 1.91
N SER B 174 -0.65 -7.51 0.66
CA SER B 174 -0.84 -6.12 0.37
C SER B 174 -2.20 -5.64 0.86
N GLN B 175 -3.23 -6.44 0.60
CA GLN B 175 -4.59 -6.06 0.95
C GLN B 175 -4.75 -5.77 2.44
N HIS B 176 -4.02 -6.51 3.27
CA HIS B 176 -4.14 -6.35 4.71
C HIS B 176 -2.99 -5.53 5.29
N ASN B 177 -2.25 -4.83 4.42
CA ASN B 177 -1.19 -3.93 4.86
C ASN B 177 -0.02 -4.58 5.62
N PHE B 178 0.34 -5.79 5.25
CA PHE B 178 1.53 -6.40 5.79
C PHE B 178 2.76 -5.71 5.20
N PRO B 179 3.81 -5.54 6.01
CA PRO B 179 5.10 -4.94 5.64
C PRO B 179 5.75 -5.67 4.47
N HIS B 180 6.59 -4.98 3.71
CA HIS B 180 7.35 -5.64 2.65
C HIS B 180 8.33 -6.61 3.28
N GLY B 181 8.53 -7.74 2.62
CA GLY B 181 9.49 -8.69 3.10
C GLY B 181 9.86 -9.65 2.01
N VAL B 182 10.74 -10.59 2.35
CA VAL B 182 11.06 -11.70 1.50
C VAL B 182 9.92 -12.71 1.54
N VAL B 183 9.43 -13.10 0.37
CA VAL B 183 8.42 -14.15 0.30
C VAL B 183 9.00 -15.36 -0.41
N SER B 184 8.82 -16.53 0.19
CA SER B 184 9.39 -17.74 -0.36
C SER B 184 8.36 -18.86 -0.53
N PHE B 185 8.41 -19.52 -1.68
CA PHE B 185 7.46 -20.55 -2.01
C PHE B 185 8.16 -21.89 -2.18
N CYS B 186 7.37 -22.95 -2.21
CA CYS B 186 7.86 -24.28 -2.53
C CYS B 186 7.90 -24.52 -4.03
N ASP B 192 4.92 -32.61 -0.10
CA ASP B 192 5.15 -32.39 1.32
C ASP B 192 5.64 -30.96 1.63
N PRO B 193 4.70 -30.01 1.74
CA PRO B 193 5.00 -28.59 1.90
C PRO B 193 5.68 -28.25 3.22
N LEU B 194 5.20 -28.85 4.30
CA LEU B 194 5.82 -28.66 5.60
C LEU B 194 7.26 -29.14 5.56
N ARG B 195 7.52 -30.17 4.78
CA ARG B 195 8.86 -30.76 4.76
C ARG B 195 9.74 -29.90 3.88
N GLN B 196 9.15 -29.34 2.82
CA GLN B 196 9.87 -28.54 1.83
C GLN B 196 10.25 -27.21 2.44
N LYS B 197 9.35 -26.70 3.26
CA LYS B 197 9.54 -25.47 3.99
C LYS B 197 10.72 -25.60 4.94
N ALA B 198 10.77 -26.75 5.61
CA ALA B 198 11.86 -27.03 6.55
C ALA B 198 13.20 -27.04 5.85
N MET B 199 13.29 -27.74 4.71
CA MET B 199 14.55 -27.83 4.00
C MET B 199 14.99 -26.45 3.51
N PHE B 200 14.05 -25.68 2.97
CA PHE B 200 14.41 -24.36 2.45
C PHE B 200 14.97 -23.41 3.48
N LEU B 201 14.35 -23.36 4.65
CA LEU B 201 14.81 -22.45 5.69
C LEU B 201 16.20 -22.81 6.17
N GLN B 202 16.49 -24.11 6.28
CA GLN B 202 17.84 -24.52 6.68
C GLN B 202 18.84 -24.09 5.63
N SER B 203 18.49 -24.27 4.36
CA SER B 203 19.37 -23.89 3.28
C SER B 203 19.56 -22.40 3.28
N LEU B 204 18.46 -21.69 3.54
CA LEU B 204 18.48 -20.24 3.57
C LEU B 204 19.46 -19.73 4.61
N VAL B 205 19.43 -20.37 5.78
CA VAL B 205 20.23 -19.94 6.92
C VAL B 205 21.70 -20.21 6.70
N GLN B 206 22.01 -21.37 6.16
CA GLN B 206 23.40 -21.79 6.05
C GLN B 206 24.07 -21.09 4.88
N GLU B 207 23.28 -20.70 3.89
CA GLU B 207 23.80 -20.17 2.65
C GLU B 207 24.01 -18.66 2.77
N VAL B 208 23.06 -17.98 3.40
CA VAL B 208 23.09 -16.55 3.53
C VAL B 208 23.54 -16.11 4.94
N GLU B 209 23.66 -17.08 5.84
CA GLU B 209 24.19 -16.86 7.20
C GLU B 209 23.30 -15.90 8.01
N LEU B 210 22.01 -16.05 7.86
CA LEU B 210 21.05 -15.30 8.65
C LEU B 210 21.09 -15.79 10.08
N ASN B 211 20.85 -14.88 11.02
CA ASN B 211 20.58 -15.27 12.40
C ASN B 211 19.08 -15.20 12.67
N ILE B 212 18.39 -16.33 12.59
CA ILE B 212 16.95 -16.29 12.83
C ILE B 212 16.66 -16.25 14.32
N VAL B 213 16.19 -15.10 14.80
CA VAL B 213 16.00 -14.91 16.22
C VAL B 213 14.58 -15.24 16.67
N ALA B 214 13.68 -15.41 15.71
CA ALA B 214 12.31 -15.78 16.07
C ALA B 214 11.57 -16.42 14.91
N GLY B 215 10.64 -17.32 15.25
CA GLY B 215 9.85 -18.04 14.26
C GLY B 215 8.39 -18.05 14.66
N TYR B 216 7.51 -17.71 13.72
CA TYR B 216 6.07 -17.70 14.00
C TYR B 216 5.31 -18.75 13.18
N GLY B 217 4.34 -19.40 13.80
CA GLY B 217 3.52 -20.31 13.04
C GLY B 217 2.43 -21.02 13.79
N SER B 218 2.04 -22.15 13.23
CA SER B 218 1.04 -23.02 13.80
C SER B 218 1.74 -24.19 14.47
N PRO B 219 1.01 -25.03 15.19
CA PRO B 219 1.64 -26.13 15.92
C PRO B 219 2.55 -27.04 15.06
N LYS B 220 2.17 -27.38 13.84
CA LYS B 220 3.07 -28.21 13.01
C LYS B 220 4.40 -27.54 12.65
N ASP B 221 4.45 -26.21 12.70
CA ASP B 221 5.67 -25.50 12.38
C ASP B 221 6.74 -25.64 13.47
N VAL B 222 6.35 -26.13 14.65
CA VAL B 222 7.30 -26.24 15.76
C VAL B 222 8.47 -27.16 15.42
N ALA B 223 8.19 -28.25 14.71
CA ALA B 223 9.24 -29.19 14.33
C ALA B 223 10.21 -28.51 13.35
N VAL B 224 9.66 -27.73 12.43
CA VAL B 224 10.47 -26.97 11.49
C VAL B 224 11.43 -26.03 12.22
N TYR B 225 10.89 -25.28 13.17
CA TYR B 225 11.67 -24.31 13.91
C TYR B 225 12.68 -25.00 14.81
N ALA B 226 12.28 -26.14 15.37
CA ALA B 226 13.20 -26.97 16.14
C ALA B 226 14.39 -27.42 15.28
N ALA B 227 14.12 -27.82 14.04
CA ALA B 227 15.19 -28.28 13.15
C ALA B 227 16.18 -27.16 12.77
N LEU B 228 15.73 -25.93 12.79
CA LEU B 228 16.60 -24.79 12.47
C LEU B 228 17.42 -24.38 13.68
N GLY B 229 17.14 -24.98 14.83
CA GLY B 229 17.91 -24.67 16.02
C GLY B 229 17.31 -23.54 16.85
N LEU B 230 16.09 -23.13 16.51
CA LEU B 230 15.40 -22.12 17.29
C LEU B 230 15.01 -22.72 18.64
N SER B 231 15.21 -21.97 19.72
CA SER B 231 14.84 -22.46 21.03
C SER B 231 13.36 -22.23 21.26
N PRO B 232 12.79 -22.96 22.23
CA PRO B 232 11.36 -22.87 22.55
C PRO B 232 10.89 -21.44 22.78
N SER B 233 11.70 -20.68 23.50
CA SER B 233 11.35 -19.31 23.89
C SER B 233 11.33 -18.34 22.71
N GLN B 234 11.95 -18.75 21.60
CA GLN B 234 11.95 -17.98 20.35
C GLN B 234 10.91 -18.51 19.35
N THR B 235 10.14 -19.51 19.75
CA THR B 235 9.20 -20.12 18.83
C THR B 235 7.78 -19.75 19.23
N TYR B 236 7.13 -18.91 18.42
CA TYR B 236 5.82 -18.39 18.77
C TYR B 236 4.76 -19.00 17.88
N ILE B 237 3.78 -19.65 18.52
CA ILE B 237 2.77 -20.46 17.85
C ILE B 237 1.37 -19.97 18.17
N VAL B 238 0.55 -19.78 17.13
CA VAL B 238 -0.86 -19.46 17.37
C VAL B 238 -1.68 -20.73 17.19
N GLY B 239 -2.83 -20.79 17.86
CA GLY B 239 -3.67 -21.97 17.74
C GLY B 239 -4.03 -22.44 19.13
N ARG B 240 -4.43 -23.70 19.24
CA ARG B 240 -4.78 -24.22 20.54
C ARG B 240 -3.57 -25.00 21.04
N ALA B 241 -3.26 -24.78 22.32
CA ALA B 241 -2.06 -25.31 22.94
C ALA B 241 -2.07 -26.83 23.03
N VAL B 242 -1.34 -27.45 22.12
CA VAL B 242 -1.19 -28.91 22.10
C VAL B 242 -0.27 -29.28 23.26
N ARG B 243 -0.66 -30.27 24.05
CA ARG B 243 0.09 -30.61 25.27
C ARG B 243 1.49 -31.16 24.99
N LYS B 244 1.60 -31.96 23.93
CA LYS B 244 2.86 -32.57 23.55
C LYS B 244 3.92 -31.49 23.29
N LEU B 245 3.47 -30.36 22.76
CA LEU B 245 4.33 -29.28 22.32
C LEU B 245 4.67 -28.22 23.37
N GLN B 246 3.90 -28.16 24.46
CA GLN B 246 4.00 -27.05 25.43
C GLN B 246 5.41 -26.77 25.99
N ALA B 247 6.25 -27.79 26.05
CA ALA B 247 7.64 -27.61 26.49
C ALA B 247 8.52 -27.07 25.37
N GLN B 248 7.99 -27.11 24.15
CA GLN B 248 8.83 -26.88 22.99
C GLN B 248 8.54 -25.55 22.28
N CYS B 249 7.73 -24.70 22.89
CA CYS B 249 7.40 -23.44 22.25
C CYS B 249 6.66 -22.50 23.20
N GLN B 250 6.47 -21.27 22.76
CA GLN B 250 5.58 -20.34 23.44
C GLN B 250 4.26 -20.21 22.71
N PHE B 251 3.19 -20.70 23.32
CA PHE B 251 1.88 -20.57 22.73
C PHE B 251 1.36 -19.16 23.04
N LEU B 252 0.86 -18.46 22.03
CA LEU B 252 0.36 -17.12 22.23
C LEU B 252 -1.11 -17.16 22.56
N SER B 253 -1.40 -17.69 23.73
CA SER B 253 -2.77 -17.96 24.14
C SER B 253 -3.60 -16.69 24.21
N ASP B 254 -2.94 -15.55 24.44
CA ASP B 254 -3.64 -14.27 24.57
C ASP B 254 -3.90 -13.56 23.26
N GLY B 255 -3.37 -14.09 22.16
CA GLY B 255 -3.50 -13.43 20.88
C GLY B 255 -2.32 -12.50 20.63
N TYR B 256 -2.34 -11.79 19.50
CA TYR B 256 -1.21 -10.97 19.06
C TYR B 256 -1.10 -9.59 19.73
N VAL B 257 -2.24 -8.99 20.08
CA VAL B 257 -2.21 -7.68 20.73
C VAL B 257 -1.46 -7.73 22.07
N ALA B 258 -1.82 -8.68 22.93
CA ALA B 258 -1.08 -8.90 24.17
C ALA B 258 0.41 -9.20 23.90
N HIS B 259 0.68 -10.00 22.89
CA HIS B 259 2.07 -10.38 22.59
C HIS B 259 2.89 -9.14 22.19
N LEU B 260 2.25 -8.27 21.41
CA LEU B 260 2.85 -7.03 20.95
C LEU B 260 3.30 -6.14 22.09
N GLY B 261 2.44 -6.04 23.10
CA GLY B 261 2.79 -5.30 24.30
C GLY B 261 4.05 -5.84 24.94
N GLN B 262 4.21 -7.16 24.91
CA GLN B 262 5.38 -7.76 25.54
C GLN B 262 6.64 -7.58 24.71
N LEU B 263 6.50 -7.57 23.38
CA LEU B 263 7.66 -7.32 22.53
C LEU B 263 8.21 -5.93 22.81
N GLU B 264 7.30 -4.97 22.91
CA GLU B 264 7.67 -3.57 23.08
C GLU B 264 8.34 -3.27 24.42
N ALA B 265 8.13 -4.14 25.41
CA ALA B 265 8.77 -4.01 26.71
C ALA B 265 10.13 -4.71 26.73
N ARG C 7 -47.13 3.43 -0.14
CA ARG C 7 -47.91 2.53 0.69
C ARG C 7 -48.44 1.36 -0.13
N ASN C 8 -48.89 1.64 -1.35
CA ASN C 8 -49.39 0.61 -2.24
C ASN C 8 -48.88 0.77 -3.67
N VAL C 9 -47.56 0.73 -3.82
CA VAL C 9 -46.95 0.87 -5.11
C VAL C 9 -45.81 -0.10 -4.95
N THR C 10 -45.66 -1.02 -5.89
CA THR C 10 -44.64 -2.04 -5.79
C THR C 10 -43.20 -1.52 -5.89
N SER C 11 -42.35 -2.03 -5.00
CA SER C 11 -40.93 -1.75 -5.04
C SER C 11 -40.30 -2.35 -6.28
N ASN C 12 -39.26 -1.68 -6.77
CA ASN C 12 -38.42 -2.20 -7.84
C ASN C 12 -36.95 -1.95 -7.52
N HIS C 13 -36.46 -2.55 -6.43
CA HIS C 13 -35.09 -2.32 -6.00
C HIS C 13 -34.11 -3.17 -6.82
N ARG C 14 -32.90 -2.67 -6.97
CA ARG C 14 -31.87 -3.43 -7.68
C ARG C 14 -30.51 -3.21 -7.07
N ALA C 15 -29.74 -4.28 -6.97
CA ALA C 15 -28.33 -4.21 -6.63
C ALA C 15 -27.55 -4.79 -7.79
N SER C 16 -26.41 -4.20 -8.12
CA SER C 16 -25.60 -4.69 -9.24
C SER C 16 -24.78 -5.90 -8.79
N ASP C 17 -24.77 -6.94 -9.61
CA ASP C 17 -23.83 -8.05 -9.40
C ASP C 17 -22.43 -7.47 -9.44
N THR C 18 -21.62 -7.80 -8.44
CA THR C 18 -20.24 -7.33 -8.44
C THR C 18 -19.28 -8.46 -8.77
N VAL C 19 -18.38 -8.18 -9.69
CA VAL C 19 -17.31 -9.11 -9.99
C VAL C 19 -16.05 -8.37 -9.63
N VAL C 20 -15.22 -9.00 -8.80
CA VAL C 20 -14.01 -8.37 -8.31
C VAL C 20 -12.93 -9.43 -8.14
N CYS C 21 -11.70 -9.03 -8.49
CA CYS C 21 -10.54 -9.90 -8.31
C CYS C 21 -10.12 -9.95 -6.85
N GLU C 22 -9.73 -11.13 -6.38
CA GLU C 22 -9.34 -11.29 -4.99
C GLU C 22 -8.19 -10.34 -4.65
N GLY C 23 -8.21 -9.82 -3.43
CA GLY C 23 -7.19 -8.88 -3.01
C GLY C 23 -7.61 -7.44 -3.21
N ARG C 24 -8.59 -7.24 -4.10
CA ARG C 24 -9.06 -5.88 -4.39
C ARG C 24 -10.21 -5.40 -3.50
N PRO C 25 -10.35 -4.07 -3.37
CA PRO C 25 -11.47 -3.47 -2.64
C PRO C 25 -12.80 -3.97 -3.18
N GLN C 26 -13.67 -4.41 -2.30
CA GLN C 26 -14.95 -4.95 -2.70
C GLN C 26 -16.05 -3.96 -2.34
N VAL C 27 -16.83 -3.57 -3.34
CA VAL C 27 -17.87 -2.59 -3.11
C VAL C 27 -19.19 -3.05 -3.71
N LEU C 28 -20.24 -3.00 -2.91
CA LEU C 28 -21.58 -3.35 -3.36
C LEU C 28 -22.41 -2.08 -3.59
N ASN C 29 -23.14 -2.06 -4.70
CA ASN C 29 -23.97 -0.90 -5.02
C ASN C 29 -25.43 -1.28 -5.19
N GLY C 30 -26.33 -0.36 -4.88
CA GLY C 30 -27.74 -0.60 -5.05
C GLY C 30 -28.52 0.66 -5.35
N ARG C 31 -29.75 0.46 -5.81
CA ARG C 31 -30.67 1.55 -6.09
C ARG C 31 -32.09 1.15 -5.69
N PHE C 32 -32.79 2.06 -5.03
CA PHE C 32 -34.08 1.71 -4.43
C PHE C 32 -35.21 2.62 -4.92
N MET C 33 -36.16 2.00 -5.62
CA MET C 33 -37.18 2.72 -6.40
C MET C 33 -38.56 2.10 -6.19
N TYR C 34 -39.60 2.87 -6.50
CA TYR C 34 -40.98 2.38 -6.37
C TYR C 34 -41.83 2.81 -7.56
N GLY C 35 -42.84 2.01 -7.90
CA GLY C 35 -43.71 2.35 -9.00
C GLY C 35 -43.26 1.90 -10.37
N PRO C 36 -44.19 1.90 -11.33
CA PRO C 36 -43.81 1.61 -12.71
C PRO C 36 -42.98 2.75 -13.29
N LEU C 37 -42.00 2.39 -14.10
CA LEU C 37 -41.02 3.34 -14.63
C LEU C 37 -40.45 4.29 -13.57
N ASP C 38 -40.06 3.72 -12.43
CA ASP C 38 -39.38 4.48 -11.37
C ASP C 38 -40.05 5.80 -10.94
N VAL C 39 -41.36 5.76 -10.73
CA VAL C 39 -42.10 6.94 -10.31
C VAL C 39 -41.58 7.50 -8.99
N VAL C 40 -41.21 6.61 -8.07
CA VAL C 40 -40.71 7.02 -6.77
C VAL C 40 -39.26 6.65 -6.52
N THR C 41 -38.51 7.61 -5.96
CA THR C 41 -37.13 7.37 -5.59
C THR C 41 -37.07 7.30 -4.07
N LEU C 42 -36.42 6.28 -3.52
CA LEU C 42 -36.32 6.20 -2.07
C LEU C 42 -35.08 6.95 -1.61
N THR C 43 -35.31 8.13 -1.04
CA THR C 43 -34.25 9.08 -0.70
C THR C 43 -34.06 9.28 0.80
N GLY C 44 -32.80 9.31 1.22
CA GLY C 44 -32.45 9.53 2.61
C GLY C 44 -32.94 8.43 3.53
N GLU C 45 -32.93 7.18 3.07
CA GLU C 45 -33.36 6.07 3.90
C GLU C 45 -32.29 4.99 4.17
N LYS C 46 -32.39 4.35 5.34
CA LYS C 46 -31.47 3.30 5.72
C LYS C 46 -31.72 1.97 5.03
N VAL C 47 -30.63 1.35 4.61
CA VAL C 47 -30.69 0.04 4.00
C VAL C 47 -29.68 -0.82 4.71
N ASP C 48 -30.14 -1.97 5.21
CA ASP C 48 -29.22 -2.91 5.82
C ASP C 48 -28.69 -3.82 4.73
N VAL C 49 -27.38 -4.06 4.74
CA VAL C 49 -26.72 -4.86 3.73
C VAL C 49 -26.32 -6.20 4.34
N TYR C 50 -26.82 -7.28 3.75
CA TYR C 50 -26.54 -8.63 4.23
C TYR C 50 -25.73 -9.42 3.21
N VAL C 51 -24.81 -10.23 3.70
CA VAL C 51 -24.12 -11.19 2.84
C VAL C 51 -24.24 -12.57 3.44
N MET C 52 -24.49 -13.58 2.60
CA MET C 52 -24.54 -14.95 3.08
C MET C 52 -23.15 -15.53 2.90
N THR C 53 -22.31 -15.30 3.90
CA THR C 53 -20.88 -15.58 3.78
C THR C 53 -20.55 -17.06 3.57
N GLN C 54 -21.34 -17.94 4.19
CA GLN C 54 -21.30 -19.38 3.88
C GLN C 54 -22.56 -19.79 3.10
N PRO C 55 -22.48 -19.81 1.76
CA PRO C 55 -23.65 -20.00 0.88
C PRO C 55 -24.50 -21.26 1.15
N LEU C 56 -23.98 -22.28 1.83
CA LEU C 56 -24.78 -23.48 2.07
C LEU C 56 -25.43 -23.45 3.44
N SER C 57 -24.98 -22.53 4.29
CA SER C 57 -25.48 -22.46 5.65
C SER C 57 -26.86 -21.82 5.68
N GLY C 58 -27.13 -20.96 4.69
CA GLY C 58 -28.36 -20.20 4.66
C GLY C 58 -28.37 -19.05 5.64
N LYS C 59 -27.25 -18.83 6.32
CA LYS C 59 -27.16 -17.79 7.34
C LYS C 59 -26.80 -16.44 6.74
N TRP C 60 -27.74 -15.50 6.77
CA TRP C 60 -27.44 -14.13 6.37
C TRP C 60 -26.62 -13.46 7.45
N ILE C 61 -25.55 -12.79 7.03
CA ILE C 61 -24.68 -12.07 7.94
C ILE C 61 -24.80 -10.57 7.69
N HIS C 62 -25.10 -9.82 8.75
CA HIS C 62 -25.18 -8.37 8.66
C HIS C 62 -23.79 -7.74 8.48
N PHE C 63 -23.60 -7.02 7.39
CA PHE C 63 -22.30 -6.42 7.09
C PHE C 63 -22.27 -4.93 7.43
N GLY C 64 -23.43 -4.29 7.40
CA GLY C 64 -23.53 -2.87 7.72
C GLY C 64 -24.80 -2.20 7.23
N THR C 65 -24.86 -0.89 7.39
CA THR C 65 -26.04 -0.10 7.05
C THR C 65 -25.62 1.17 6.31
N GLU C 66 -26.38 1.55 5.29
CA GLU C 66 -26.08 2.79 4.56
C GLU C 66 -27.37 3.59 4.35
N VAL C 67 -27.24 4.85 3.95
CA VAL C 67 -28.41 5.66 3.63
C VAL C 67 -28.39 6.02 2.15
N THR C 68 -29.56 6.00 1.51
CA THR C 68 -29.64 6.34 0.10
C THR C 68 -29.47 7.84 -0.12
N ASN C 69 -28.96 8.20 -1.29
CA ASN C 69 -28.75 9.60 -1.64
C ASN C 69 -29.92 10.16 -2.46
N SER C 70 -29.74 11.36 -3.00
CA SER C 70 -30.84 12.07 -3.67
C SER C 70 -31.43 11.29 -4.85
N SER C 71 -30.65 10.42 -5.47
CA SER C 71 -31.15 9.63 -6.59
C SER C 71 -31.52 8.20 -6.23
N GLY C 72 -31.63 7.90 -4.93
CA GLY C 72 -32.08 6.61 -4.47
C GLY C 72 -30.97 5.55 -4.37
N ARG C 73 -29.74 6.02 -4.47
CA ARG C 73 -28.59 5.11 -4.56
C ARG C 73 -27.87 4.87 -3.25
N LEU C 74 -27.20 3.74 -3.21
CA LEU C 74 -26.50 3.24 -2.03
C LEU C 74 -25.17 2.68 -2.51
N THR C 75 -24.10 2.98 -1.79
CA THR C 75 -22.82 2.35 -2.11
C THR C 75 -22.17 1.90 -0.81
N PHE C 76 -21.84 0.61 -0.74
CA PHE C 76 -21.30 0.05 0.49
C PHE C 76 -19.94 -0.57 0.26
N PRO C 77 -18.89 0.04 0.80
CA PRO C 77 -17.56 -0.55 0.74
C PRO C 77 -17.38 -1.63 1.79
N VAL C 78 -16.97 -2.83 1.39
CA VAL C 78 -16.68 -3.89 2.35
C VAL C 78 -15.35 -3.62 3.04
N PRO C 79 -15.37 -3.56 4.39
CA PRO C 79 -14.12 -3.37 5.14
C PRO C 79 -13.13 -4.48 4.81
N SER C 80 -11.87 -4.16 4.57
CA SER C 80 -10.87 -5.15 4.15
C SER C 80 -10.77 -6.28 5.17
N GLU C 81 -11.14 -6.00 6.42
CA GLU C 81 -11.13 -7.00 7.48
C GLU C 81 -12.17 -8.09 7.19
N ARG C 82 -13.21 -7.75 6.43
CA ARG C 82 -14.29 -8.68 6.14
C ARG C 82 -14.38 -9.02 4.66
N ALA C 83 -13.37 -8.62 3.89
CA ALA C 83 -13.34 -8.88 2.46
C ALA C 83 -13.43 -10.39 2.23
N LEU C 84 -14.23 -10.79 1.25
CA LEU C 84 -14.43 -12.22 1.03
C LEU C 84 -13.38 -12.79 0.07
N GLY C 85 -13.03 -14.05 0.30
CA GLY C 85 -12.15 -14.78 -0.57
C GLY C 85 -12.93 -15.27 -1.77
N ILE C 86 -12.26 -16.05 -2.61
CA ILE C 86 -12.83 -16.62 -3.82
C ILE C 86 -14.15 -17.35 -3.56
N GLY C 87 -15.16 -17.06 -4.39
CA GLY C 87 -16.46 -17.70 -4.27
C GLY C 87 -17.60 -16.85 -4.82
N VAL C 88 -18.83 -17.39 -4.74
CA VAL C 88 -20.03 -16.65 -5.11
C VAL C 88 -20.92 -16.46 -3.90
N TYR C 89 -21.17 -15.21 -3.53
CA TYR C 89 -21.92 -14.92 -2.30
C TYR C 89 -23.25 -14.20 -2.57
N PRO C 90 -24.36 -14.80 -2.14
CA PRO C 90 -25.64 -14.11 -2.16
C PRO C 90 -25.57 -12.81 -1.34
N VAL C 91 -26.23 -11.75 -1.82
CA VAL C 91 -26.26 -10.48 -1.13
C VAL C 91 -27.72 -9.97 -1.05
N ARG C 92 -28.13 -9.48 0.12
CA ARG C 92 -29.47 -8.92 0.23
C ARG C 92 -29.45 -7.54 0.87
N MET C 93 -30.07 -6.57 0.20
CA MET C 93 -30.16 -5.23 0.76
C MET C 93 -31.59 -4.98 1.15
N VAL C 94 -31.79 -4.76 2.45
CA VAL C 94 -33.15 -4.62 2.99
C VAL C 94 -33.40 -3.18 3.42
N VAL C 95 -34.43 -2.59 2.82
CA VAL C 95 -34.85 -1.27 3.21
C VAL C 95 -35.55 -1.35 4.56
N ARG C 96 -34.95 -0.73 5.57
CA ARG C 96 -35.59 -0.74 6.87
C ARG C 96 -36.77 0.22 6.82
N GLY C 97 -37.89 -0.18 7.41
CA GLY C 97 -39.12 0.60 7.38
C GLY C 97 -40.25 0.21 6.45
N ASP C 98 -39.90 -0.61 5.45
CA ASP C 98 -40.81 -1.20 4.47
C ASP C 98 -40.49 -2.69 4.21
N HIS C 99 -39.39 -3.16 4.81
CA HIS C 99 -38.84 -4.50 4.66
C HIS C 99 -38.84 -5.03 3.22
N THR C 100 -38.90 -4.12 2.24
CA THR C 100 -38.67 -4.50 0.85
C THR C 100 -37.17 -4.62 0.64
N TYR C 101 -36.75 -5.30 -0.43
CA TYR C 101 -35.33 -5.56 -0.60
C TYR C 101 -34.87 -5.75 -2.04
N ALA C 102 -33.56 -5.73 -2.22
CA ALA C 102 -32.95 -6.06 -3.50
C ALA C 102 -31.93 -7.17 -3.30
N GLU C 103 -31.73 -7.98 -4.33
CA GLU C 103 -30.83 -9.12 -4.25
C GLU C 103 -29.89 -9.18 -5.44
N CYS C 104 -28.69 -9.71 -5.20
CA CYS C 104 -27.66 -9.86 -6.23
C CYS C 104 -26.59 -10.79 -5.69
N CYS C 105 -25.53 -10.99 -6.47
CA CYS C 105 -24.40 -11.82 -6.02
C CYS C 105 -23.09 -11.08 -6.11
N LEU C 106 -22.22 -11.33 -5.14
CA LEU C 106 -20.85 -10.87 -5.20
C LEU C 106 -19.99 -12.04 -5.64
N THR C 107 -19.33 -11.91 -6.80
CA THR C 107 -18.48 -12.96 -7.30
C THR C 107 -17.03 -12.51 -7.19
N VAL C 108 -16.29 -13.20 -6.32
CA VAL C 108 -14.86 -12.93 -6.15
C VAL C 108 -14.04 -14.01 -6.86
N VAL C 109 -13.20 -13.58 -7.79
CA VAL C 109 -12.44 -14.52 -8.60
C VAL C 109 -10.97 -14.27 -8.43
N SER C 110 -10.17 -15.28 -8.71
CA SER C 110 -8.72 -15.08 -8.80
C SER C 110 -8.34 -14.61 -10.20
N ARG C 111 -7.20 -13.93 -10.28
CA ARG C 111 -6.70 -13.37 -11.52
C ARG C 111 -6.60 -14.43 -12.62
N GLY C 112 -7.10 -14.08 -13.80
CA GLY C 112 -7.04 -14.94 -14.97
C GLY C 112 -8.13 -16.00 -15.06
N THR C 113 -9.13 -15.91 -14.20
CA THR C 113 -10.26 -16.84 -14.26
C THR C 113 -10.93 -16.80 -15.64
N GLU C 114 -11.23 -17.98 -16.20
CA GLU C 114 -11.82 -18.06 -17.54
C GLU C 114 -13.34 -17.90 -17.52
N ALA C 115 -13.83 -17.14 -18.50
CA ALA C 115 -15.22 -16.75 -18.54
C ALA C 115 -15.73 -16.68 -19.98
N VAL C 116 -17.03 -16.90 -20.11
CA VAL C 116 -17.72 -16.78 -21.39
C VAL C 116 -18.85 -15.76 -21.23
N VAL C 117 -18.95 -14.83 -22.19
CA VAL C 117 -19.94 -13.76 -22.14
C VAL C 117 -21.08 -14.04 -23.12
N PHE C 118 -22.31 -13.94 -22.63
CA PHE C 118 -23.49 -14.05 -23.50
C PHE C 118 -24.26 -12.75 -23.51
N SER C 119 -24.38 -12.13 -24.68
CA SER C 119 -25.23 -10.95 -24.80
C SER C 119 -26.69 -11.35 -25.00
N ILE C 120 -27.50 -11.15 -23.97
CA ILE C 120 -28.89 -11.51 -24.05
C ILE C 120 -29.46 -10.72 -25.21
N ASP C 121 -30.22 -11.41 -26.04
CA ASP C 121 -30.84 -10.83 -27.25
C ASP C 121 -30.64 -11.80 -28.41
N GLY C 140 -32.56 -24.91 -27.04
CA GLY C 140 -31.25 -25.49 -26.82
C GLY C 140 -30.24 -24.44 -26.35
N ALA C 141 -30.67 -23.19 -26.29
CA ALA C 141 -29.78 -22.10 -25.90
C ALA C 141 -29.35 -22.29 -24.46
N VAL C 142 -30.31 -22.70 -23.63
CA VAL C 142 -30.04 -23.04 -22.23
C VAL C 142 -28.99 -24.14 -22.16
N ASP C 143 -29.08 -25.07 -23.12
CA ASP C 143 -28.17 -26.21 -23.21
C ASP C 143 -26.77 -25.74 -23.54
N VAL C 144 -26.65 -24.75 -24.41
CA VAL C 144 -25.34 -24.19 -24.76
C VAL C 144 -24.72 -23.47 -23.56
N VAL C 145 -25.52 -22.68 -22.86
CA VAL C 145 -25.04 -21.98 -21.67
C VAL C 145 -24.65 -22.97 -20.59
N ARG C 146 -25.49 -23.98 -20.40
CA ARG C 146 -25.23 -24.98 -19.37
C ARG C 146 -23.98 -25.81 -19.69
N HIS C 147 -23.70 -25.98 -20.98
CA HIS C 147 -22.50 -26.67 -21.43
C HIS C 147 -21.22 -25.95 -20.95
N TRP C 148 -21.19 -24.61 -21.11
CA TRP C 148 -20.01 -23.84 -20.69
C TRP C 148 -19.83 -23.88 -19.18
N GLN C 149 -20.94 -23.79 -18.45
CA GLN C 149 -20.89 -23.86 -16.99
C GLN C 149 -20.39 -25.20 -16.46
N ASP C 150 -20.94 -26.29 -16.96
CA ASP C 150 -20.51 -27.63 -16.54
C ASP C 150 -19.04 -27.89 -16.82
N SER C 151 -18.47 -27.20 -17.81
CA SER C 151 -17.05 -27.34 -18.11
C SER C 151 -16.20 -26.42 -17.20
N GLY C 152 -16.86 -25.63 -16.35
CA GLY C 152 -16.17 -24.85 -15.35
C GLY C 152 -15.93 -23.38 -15.65
N TYR C 153 -16.57 -22.85 -16.68
CA TYR C 153 -16.38 -21.45 -17.03
C TYR C 153 -17.36 -20.53 -16.31
N LEU C 154 -16.85 -19.36 -15.94
CA LEU C 154 -17.68 -18.36 -15.30
C LEU C 154 -18.66 -17.84 -16.33
N ILE C 155 -19.95 -17.86 -15.99
CA ILE C 155 -20.97 -17.39 -16.92
C ILE C 155 -21.24 -15.90 -16.72
N VAL C 156 -21.16 -15.14 -17.80
CA VAL C 156 -21.43 -13.71 -17.74
C VAL C 156 -22.55 -13.32 -18.71
N TYR C 157 -23.68 -12.83 -18.19
CA TYR C 157 -24.77 -12.33 -19.01
C TYR C 157 -24.72 -10.80 -19.07
N VAL C 158 -24.63 -10.25 -20.27
CA VAL C 158 -24.63 -8.80 -20.40
C VAL C 158 -25.75 -8.27 -21.29
N THR C 159 -26.26 -7.11 -20.92
CA THR C 159 -27.25 -6.39 -21.70
C THR C 159 -26.99 -4.89 -21.64
N GLY C 160 -27.42 -4.17 -22.66
CA GLY C 160 -27.35 -2.71 -22.67
C GLY C 160 -28.51 -2.04 -21.95
N ARG C 161 -29.55 -2.81 -21.64
CA ARG C 161 -30.76 -2.30 -20.98
C ARG C 161 -30.46 -1.63 -19.64
N PRO C 162 -31.33 -0.70 -19.23
CA PRO C 162 -31.19 -0.11 -17.89
C PRO C 162 -31.65 -1.12 -16.85
N ASP C 163 -31.03 -1.11 -15.68
CA ASP C 163 -31.34 -2.12 -14.67
C ASP C 163 -32.75 -1.99 -14.07
N MET C 164 -33.51 -0.97 -14.49
CA MET C 164 -34.93 -0.88 -14.11
C MET C 164 -35.69 -2.15 -14.52
N GLN C 165 -35.22 -2.82 -15.58
CA GLN C 165 -35.85 -4.04 -16.10
C GLN C 165 -35.20 -5.34 -15.64
N LYS C 166 -34.30 -5.25 -14.67
CA LYS C 166 -33.57 -6.43 -14.18
C LYS C 166 -34.52 -7.49 -13.64
N HIS C 167 -35.49 -7.08 -12.82
CA HIS C 167 -36.46 -8.01 -12.24
C HIS C 167 -37.09 -8.88 -13.33
N ARG C 168 -37.41 -8.27 -14.46
CA ARG C 168 -38.00 -8.97 -15.60
C ARG C 168 -37.02 -9.93 -16.26
N VAL C 169 -35.81 -9.43 -16.50
CA VAL C 169 -34.77 -10.24 -17.11
C VAL C 169 -34.41 -11.43 -16.24
N VAL C 170 -34.25 -11.19 -14.95
CA VAL C 170 -33.88 -12.22 -13.99
C VAL C 170 -34.98 -13.28 -13.87
N ALA C 171 -36.23 -12.86 -13.85
CA ALA C 171 -37.36 -13.78 -13.83
C ALA C 171 -37.39 -14.65 -15.10
N TRP C 172 -37.06 -14.03 -16.23
CA TRP C 172 -37.03 -14.75 -17.51
C TRP C 172 -35.96 -15.83 -17.51
N LEU C 173 -34.76 -15.47 -17.07
CA LEU C 173 -33.65 -16.41 -17.02
C LEU C 173 -33.96 -17.55 -16.06
N SER C 174 -34.61 -17.23 -14.94
CA SER C 174 -34.99 -18.24 -13.97
C SER C 174 -36.08 -19.17 -14.49
N GLN C 175 -37.09 -18.61 -15.14
CA GLN C 175 -38.19 -19.39 -15.67
C GLN C 175 -37.72 -20.44 -16.66
N HIS C 176 -36.67 -20.14 -17.41
CA HIS C 176 -36.19 -21.08 -18.44
C HIS C 176 -35.02 -21.90 -17.91
N ASN C 177 -34.80 -21.79 -16.61
CA ASN C 177 -33.77 -22.58 -15.93
C ASN C 177 -32.38 -22.35 -16.51
N PHE C 178 -32.06 -21.09 -16.85
CA PHE C 178 -30.70 -20.77 -17.27
C PHE C 178 -29.78 -20.89 -16.07
N PRO C 179 -28.57 -21.42 -16.29
CA PRO C 179 -27.59 -21.54 -15.21
C PRO C 179 -27.26 -20.19 -14.57
N HIS C 180 -26.89 -20.22 -13.30
CA HIS C 180 -26.49 -19.01 -12.61
C HIS C 180 -25.23 -18.40 -13.22
N GLY C 181 -25.18 -17.08 -13.25
CA GLY C 181 -24.02 -16.36 -13.71
C GLY C 181 -24.07 -14.92 -13.25
N VAL C 182 -23.05 -14.16 -13.61
CA VAL C 182 -23.08 -12.73 -13.38
C VAL C 182 -24.02 -12.09 -14.39
N VAL C 183 -24.94 -11.25 -13.92
CA VAL C 183 -25.82 -10.51 -14.83
C VAL C 183 -25.51 -9.01 -14.76
N SER C 184 -25.32 -8.38 -15.91
CA SER C 184 -24.92 -6.99 -15.92
C SER C 184 -25.83 -6.14 -16.80
N PHE C 185 -26.27 -5.03 -16.22
CA PHE C 185 -27.16 -4.05 -16.84
C PHE C 185 -26.51 -2.68 -16.84
N CYS C 186 -27.14 -1.71 -17.48
CA CYS C 186 -26.66 -0.35 -17.30
C CYS C 186 -27.23 0.17 -15.97
N ASP C 187 -26.37 0.76 -15.16
CA ASP C 187 -26.79 1.23 -13.84
C ASP C 187 -27.12 2.72 -13.87
N GLY C 188 -26.72 3.36 -14.96
CA GLY C 188 -26.93 4.79 -15.16
C GLY C 188 -25.94 5.65 -14.39
N LEU C 189 -24.96 5.01 -13.75
CA LEU C 189 -24.03 5.74 -12.88
C LEU C 189 -22.57 5.65 -13.29
N THR C 190 -22.09 4.45 -13.61
CA THR C 190 -20.65 4.24 -13.71
C THR C 190 -20.13 4.18 -15.15
N HIS C 191 -20.91 3.64 -16.08
CA HIS C 191 -20.47 3.63 -17.47
C HIS C 191 -21.44 4.39 -18.38
N ASP C 192 -20.89 4.97 -19.44
CA ASP C 192 -21.76 5.63 -20.38
C ASP C 192 -22.69 4.52 -20.83
N PRO C 193 -23.97 4.83 -20.77
CA PRO C 193 -25.05 3.91 -21.17
C PRO C 193 -25.07 3.69 -22.69
N LEU C 194 -24.73 4.68 -23.51
CA LEU C 194 -24.60 4.46 -24.95
C LEU C 194 -23.54 3.42 -25.35
N ARG C 195 -22.47 3.28 -24.56
CA ARG C 195 -21.42 2.29 -24.87
C ARG C 195 -21.22 1.34 -23.68
N GLN C 196 -22.31 1.01 -22.99
CA GLN C 196 -22.17 0.31 -21.71
C GLN C 196 -21.70 -1.15 -21.75
N LYS C 197 -22.08 -1.91 -22.77
CA LYS C 197 -21.64 -3.29 -22.89
C LYS C 197 -20.13 -3.36 -23.11
N ALA C 198 -19.62 -2.49 -23.98
CA ALA C 198 -18.19 -2.40 -24.24
C ALA C 198 -17.41 -1.97 -23.00
N MET C 199 -17.90 -0.93 -22.32
CA MET C 199 -17.20 -0.41 -21.15
C MET C 199 -17.19 -1.42 -20.01
N PHE C 200 -18.34 -2.08 -19.79
CA PHE C 200 -18.42 -3.07 -18.72
C PHE C 200 -17.46 -4.23 -18.99
N LEU C 201 -17.45 -4.72 -20.22
CA LEU C 201 -16.56 -5.80 -20.61
C LEU C 201 -15.09 -5.37 -20.54
N GLN C 202 -14.82 -4.12 -20.90
CA GLN C 202 -13.46 -3.64 -20.83
C GLN C 202 -12.96 -3.65 -19.39
N SER C 203 -13.83 -3.23 -18.46
CA SER C 203 -13.43 -3.25 -17.07
C SER C 203 -13.17 -4.69 -16.61
N LEU C 204 -13.98 -5.66 -17.07
CA LEU C 204 -13.74 -7.05 -16.72
C LEU C 204 -12.36 -7.57 -17.17
N VAL C 205 -11.96 -7.23 -18.39
CA VAL C 205 -10.70 -7.73 -18.92
C VAL C 205 -9.52 -7.00 -18.33
N GLN C 206 -9.58 -5.66 -18.30
CA GLN C 206 -8.44 -4.87 -17.85
C GLN C 206 -8.40 -4.69 -16.33
N GLU C 207 -9.56 -4.60 -15.70
CA GLU C 207 -9.63 -4.31 -14.27
C GLU C 207 -9.69 -5.54 -13.39
N VAL C 208 -10.52 -6.51 -13.75
CA VAL C 208 -10.67 -7.70 -12.93
C VAL C 208 -9.79 -8.79 -13.51
N GLU C 209 -9.30 -8.57 -14.72
CA GLU C 209 -8.34 -9.47 -15.32
C GLU C 209 -8.93 -10.84 -15.58
N LEU C 210 -10.19 -10.86 -16.00
CA LEU C 210 -10.79 -12.10 -16.43
C LEU C 210 -10.15 -12.55 -17.73
N ASN C 211 -10.14 -13.87 -17.95
CA ASN C 211 -9.83 -14.45 -19.24
C ASN C 211 -11.12 -14.77 -19.96
N ILE C 212 -11.57 -13.86 -20.81
CA ILE C 212 -12.80 -14.13 -21.54
C ILE C 212 -12.43 -15.01 -22.72
N VAL C 213 -12.86 -16.28 -22.68
CA VAL C 213 -12.43 -17.24 -23.70
C VAL C 213 -13.43 -17.33 -24.85
N ALA C 214 -14.63 -16.79 -24.65
CA ALA C 214 -15.65 -16.80 -25.70
C ALA C 214 -16.75 -15.76 -25.45
N GLY C 215 -17.32 -15.25 -26.54
CA GLY C 215 -18.38 -14.26 -26.47
C GLY C 215 -19.53 -14.59 -27.41
N TYR C 216 -20.74 -14.50 -26.89
CA TYR C 216 -21.94 -14.78 -27.68
C TYR C 216 -22.75 -13.51 -27.87
N GLY C 217 -23.27 -13.30 -29.08
CA GLY C 217 -24.12 -12.15 -29.34
C GLY C 217 -24.57 -12.01 -30.78
N SER C 218 -24.90 -10.77 -31.16
CA SER C 218 -25.31 -10.44 -32.52
C SER C 218 -24.18 -9.77 -33.27
N PRO C 219 -24.37 -9.54 -34.59
CA PRO C 219 -23.37 -8.92 -35.47
C PRO C 219 -22.83 -7.60 -34.92
N LYS C 220 -23.69 -6.82 -34.27
CA LYS C 220 -23.26 -5.56 -33.69
C LYS C 220 -22.22 -5.78 -32.59
N ASP C 221 -22.31 -6.92 -31.91
CA ASP C 221 -21.41 -7.20 -30.80
C ASP C 221 -20.04 -7.71 -31.22
N VAL C 222 -19.89 -8.15 -32.46
CA VAL C 222 -18.63 -8.72 -32.93
C VAL C 222 -17.46 -7.75 -32.88
N ALA C 223 -17.71 -6.48 -33.24
CA ALA C 223 -16.65 -5.47 -33.27
C ALA C 223 -16.14 -5.19 -31.85
N VAL C 224 -17.08 -5.13 -30.91
CA VAL C 224 -16.75 -4.96 -29.50
C VAL C 224 -15.87 -6.13 -29.04
N TYR C 225 -16.25 -7.35 -29.40
CA TYR C 225 -15.51 -8.55 -29.00
C TYR C 225 -14.12 -8.60 -29.62
N ALA C 226 -14.01 -8.16 -30.86
CA ALA C 226 -12.68 -8.09 -31.48
C ALA C 226 -11.79 -7.11 -30.70
N ALA C 227 -12.33 -5.94 -30.39
CA ALA C 227 -11.57 -4.92 -29.67
C ALA C 227 -11.23 -5.39 -28.26
N LEU C 228 -12.02 -6.31 -27.73
CA LEU C 228 -11.79 -6.85 -26.39
C LEU C 228 -10.66 -7.88 -26.41
N GLY C 229 -10.17 -8.19 -27.61
CA GLY C 229 -9.05 -9.09 -27.79
C GLY C 229 -9.47 -10.53 -28.04
N LEU C 230 -10.76 -10.70 -28.24
CA LEU C 230 -11.31 -12.00 -28.55
C LEU C 230 -10.99 -12.37 -30.00
N SER C 231 -10.55 -13.59 -30.27
CA SER C 231 -10.25 -13.99 -31.64
C SER C 231 -11.53 -14.45 -32.34
N PRO C 232 -11.51 -14.48 -33.68
CA PRO C 232 -12.64 -14.91 -34.52
C PRO C 232 -13.22 -16.28 -34.14
N SER C 233 -12.36 -17.24 -33.79
CA SER C 233 -12.82 -18.59 -33.44
C SER C 233 -13.56 -18.61 -32.09
N GLN C 234 -13.39 -17.56 -31.31
CA GLN C 234 -14.06 -17.44 -30.01
C GLN C 234 -15.33 -16.57 -30.08
N THR C 235 -15.69 -16.12 -31.27
CA THR C 235 -16.82 -15.20 -31.46
C THR C 235 -18.00 -15.86 -32.17
N TYR C 236 -19.10 -16.01 -31.42
CA TYR C 236 -20.31 -16.71 -31.87
C TYR C 236 -21.48 -15.75 -32.08
N ILE C 237 -22.13 -15.83 -33.24
CA ILE C 237 -23.17 -14.87 -33.58
C ILE C 237 -24.49 -15.61 -33.83
N VAL C 238 -25.59 -15.08 -33.28
CA VAL C 238 -26.90 -15.71 -33.46
C VAL C 238 -27.70 -15.11 -34.62
C1 PEG D . 5.83 11.95 15.87
O1 PEG D . 5.85 12.05 14.44
C2 PEG D . 4.98 13.07 16.46
O2 PEG D . 3.62 12.65 16.40
C3 PEG D . 2.65 13.72 16.36
C4 PEG D . 1.25 13.06 16.21
O4 PEG D . 0.43 13.87 15.39
H11 PEG D . 6.75 12.02 16.21
H12 PEG D . 5.47 11.08 16.12
HO1 PEG D . 6.37 11.39 14.10
H21 PEG D . 5.24 13.23 17.39
H22 PEG D . 5.10 13.88 15.93
H31 PEG D . 2.83 14.30 15.57
H32 PEG D . 2.69 14.24 17.18
H41 PEG D . 1.35 12.16 15.80
H42 PEG D . 0.85 12.98 17.09
HO4 PEG D . 0.87 14.06 14.63
C1 PEG E . -3.23 -17.15 4.05
O1 PEG E . -3.89 -18.23 4.70
C2 PEG E . -3.35 -17.35 2.54
O2 PEG E . -3.05 -16.11 1.89
C3 PEG E . -2.91 -16.24 0.45
C4 PEG E . -4.28 -15.97 -0.25
O4 PEG E . -5.07 -17.15 -0.24
H11 PEG E . -2.28 -17.13 4.31
H12 PEG E . -3.65 -16.30 4.30
HO1 PEG E . -4.63 -18.45 4.25
H21 PEG E . -2.72 -18.03 2.25
H22 PEG E . -4.26 -17.63 2.32
H31 PEG E . -2.60 -17.14 0.22
H32 PEG E . -2.25 -15.58 0.12
H41 PEG E . -4.76 -15.25 0.22
H42 PEG E . -4.12 -15.71 -1.18
HO4 PEG E . -5.91 -16.94 -0.39
#